data_8GOB
#
_entry.id   8GOB
#
_cell.length_a   129.878
_cell.length_b   129.878
_cell.length_c   266.214
_cell.angle_alpha   90.00
_cell.angle_beta   90.00
_cell.angle_gamma   90.00
#
_symmetry.space_group_name_H-M   'I 4 2 2'
#
loop_
_entity.id
_entity.type
_entity.pdbx_description
1 polymer 'Glycerol dehydrogenase'
2 non-polymer 'ZINC ION'
3 non-polymer NICOTINAMIDE-ADENINE-DINUCLEOTIDE
4 non-polymer 2-AMINO-2-HYDROXYMETHYL-PROPANE-1,3-DIOL
5 water water
#
_entity_poly.entity_id   1
_entity_poly.type   'polypeptide(L)'
_entity_poly.pdbx_seq_one_letter_code
;MDRIIQSPGKYIQGADVINRLGEYLKPLAERWLVVGDKFVLGFAQSTVEKSFKDAGLVVEIAPFGGECSQNEIDRLRGIA
ETAQCGAILGIGGGKTLDTAKALAHFMGVPVAIAPTIASTDAPCSALSVIYTDEGEFDRYLLLPNNPNMVIVDTKIVAGA
PARLLAAGIGDALATWFEARACSRSGATTMAGGKCTQAALALAELCYNTLLEEGEKAMLAAEQHVVTPALERVIEANTYL
SGVGFESGGLAAAHAVHNGLTAIPDAHHYYHGEKVAFGTLTQLVLENAPVEEIETVAALSHAVGLPITLAQLDIKEDVPA
KMRIVAEAACAEGETIHNMPGGATPDQVYAALLVADQYGQRFLQEWELEHHHHHH
;
_entity_poly.pdbx_strand_id   A,B
#
loop_
_chem_comp.id
_chem_comp.type
_chem_comp.name
_chem_comp.formula
NAD non-polymer NICOTINAMIDE-ADENINE-DINUCLEOTIDE 'C21 H27 N7 O14 P2'
TRS non-polymer 2-AMINO-2-HYDROXYMETHYL-PROPANE-1,3-DIOL 'C4 H12 N O3 1'
ZN non-polymer 'ZINC ION' 'Zn 2'
#
# COMPACT_ATOMS: atom_id res chain seq x y z
N MET A 1 11.21 -5.20 17.13
CA MET A 1 11.89 -5.27 15.84
C MET A 1 11.19 -4.41 14.79
N ASP A 2 11.63 -4.53 13.55
CA ASP A 2 11.17 -3.63 12.49
C ASP A 2 9.71 -3.88 12.13
N ARG A 3 9.04 -2.80 11.74
CA ARG A 3 7.68 -2.87 11.20
C ARG A 3 7.76 -2.79 9.68
N ILE A 4 7.05 -3.68 9.00
CA ILE A 4 7.19 -3.85 7.55
C ILE A 4 5.81 -3.97 6.93
N ILE A 5 5.64 -3.32 5.78
CA ILE A 5 4.47 -3.51 4.93
C ILE A 5 4.95 -3.77 3.51
N GLN A 6 4.32 -4.72 2.83
CA GLN A 6 4.60 -5.04 1.45
C GLN A 6 3.36 -4.76 0.61
N SER A 7 3.56 -4.62 -0.69
CA SER A 7 2.45 -4.35 -1.59
C SER A 7 2.88 -4.56 -3.04
N PRO A 8 1.96 -4.93 -3.92
CA PRO A 8 2.25 -4.86 -5.36
C PRO A 8 2.54 -3.43 -5.76
N GLY A 9 3.37 -3.26 -6.78
CA GLY A 9 3.75 -1.93 -7.21
C GLY A 9 2.58 -1.12 -7.74
N LYS A 10 1.60 -1.80 -8.33
CA LYS A 10 0.48 -1.12 -8.97
C LYS A 10 -0.75 -2.02 -8.93
N TYR A 11 -1.85 -1.49 -8.40
CA TYR A 11 -3.14 -2.17 -8.40
C TYR A 11 -4.10 -1.35 -9.24
N ILE A 12 -4.63 -1.97 -10.30
CA ILE A 12 -5.53 -1.31 -11.23
C ILE A 12 -6.85 -2.06 -11.24
N GLN A 13 -7.97 -1.33 -11.23
CA GLN A 13 -9.28 -1.91 -11.11
C GLN A 13 -10.28 -1.07 -11.91
N GLY A 14 -11.01 -1.69 -12.81
CA GLY A 14 -11.97 -0.97 -13.62
C GLY A 14 -12.69 -1.89 -14.57
N ALA A 15 -13.84 -1.40 -15.03
CA ALA A 15 -14.65 -2.16 -15.98
C ALA A 15 -14.00 -2.13 -17.36
N ASP A 16 -13.96 -3.30 -18.01
CA ASP A 16 -13.41 -3.46 -19.35
C ASP A 16 -11.93 -3.09 -19.42
N VAL A 17 -11.24 -3.20 -18.28
CA VAL A 17 -9.82 -2.89 -18.24
C VAL A 17 -8.97 -3.88 -19.02
N ILE A 18 -9.54 -5.03 -19.39
CA ILE A 18 -8.82 -6.00 -20.22
C ILE A 18 -8.46 -5.39 -21.57
N ASN A 19 -9.26 -4.41 -22.02
CA ASN A 19 -8.97 -3.75 -23.29
C ASN A 19 -7.73 -2.88 -23.20
N ARG A 20 -7.38 -2.41 -22.00
CA ARG A 20 -6.23 -1.56 -21.77
C ARG A 20 -5.06 -2.33 -21.17
N LEU A 21 -5.03 -3.66 -21.33
CA LEU A 21 -3.97 -4.46 -20.74
C LEU A 21 -2.61 -4.10 -21.33
N GLY A 22 -2.53 -4.05 -22.66
CA GLY A 22 -1.25 -3.79 -23.31
C GLY A 22 -0.67 -2.44 -22.95
N GLU A 23 -1.52 -1.40 -22.91
CA GLU A 23 -1.04 -0.07 -22.58
C GLU A 23 -0.55 0.00 -21.14
N TYR A 24 -1.21 -0.72 -20.23
CA TYR A 24 -0.73 -0.77 -18.85
C TYR A 24 0.54 -1.59 -18.73
N LEU A 25 0.58 -2.76 -19.39
CA LEU A 25 1.67 -3.71 -19.25
C LEU A 25 2.90 -3.33 -20.06
N LYS A 26 2.84 -2.27 -20.85
CA LYS A 26 3.95 -1.92 -21.74
C LYS A 26 5.23 -1.57 -21.00
N PRO A 27 5.24 -0.69 -19.96
CA PRO A 27 6.52 -0.30 -19.35
C PRO A 27 7.27 -1.44 -18.67
N LEU A 28 6.69 -2.64 -18.61
CA LEU A 28 7.35 -3.76 -17.95
C LEU A 28 8.17 -4.61 -18.91
N ALA A 29 7.67 -4.82 -20.12
CA ALA A 29 8.35 -5.66 -21.10
C ALA A 29 7.67 -5.47 -22.46
N GLU A 30 8.34 -5.95 -23.51
CA GLU A 30 7.78 -5.96 -24.85
C GLU A 30 7.40 -7.35 -25.33
N ARG A 31 8.05 -8.40 -24.81
CA ARG A 31 7.70 -9.78 -25.09
C ARG A 31 7.05 -10.37 -23.86
N TRP A 32 5.91 -11.03 -24.04
CA TRP A 32 5.08 -11.47 -22.91
C TRP A 32 4.63 -12.91 -23.11
N LEU A 33 4.67 -13.68 -22.04
CA LEU A 33 4.07 -15.01 -21.99
C LEU A 33 2.85 -14.95 -21.08
N VAL A 34 1.74 -15.54 -21.54
CA VAL A 34 0.47 -15.51 -20.83
C VAL A 34 0.16 -16.91 -20.34
N VAL A 35 0.05 -17.08 -19.03
CA VAL A 35 -0.43 -18.32 -18.41
C VAL A 35 -1.91 -18.13 -18.10
N GLY A 36 -2.77 -18.86 -18.80
CA GLY A 36 -4.20 -18.57 -18.76
C GLY A 36 -5.04 -19.79 -18.45
N ASP A 37 -6.04 -19.59 -17.59
CA ASP A 37 -7.06 -20.59 -17.34
C ASP A 37 -7.80 -20.90 -18.63
N LYS A 38 -8.10 -22.18 -18.85
CA LYS A 38 -8.67 -22.61 -20.13
C LYS A 38 -10.07 -22.05 -20.34
N PHE A 39 -10.91 -22.05 -19.29
CA PHE A 39 -12.23 -21.44 -19.43
C PHE A 39 -12.13 -19.96 -19.71
N VAL A 40 -11.23 -19.26 -19.01
CA VAL A 40 -11.06 -17.82 -19.22
C VAL A 40 -10.44 -17.55 -20.59
N LEU A 41 -9.44 -18.33 -20.98
CA LEU A 41 -8.81 -18.14 -22.28
C LEU A 41 -9.81 -18.34 -23.41
N GLY A 42 -10.85 -19.14 -23.19
CA GLY A 42 -11.82 -19.42 -24.23
C GLY A 42 -12.73 -18.26 -24.57
N PHE A 43 -12.88 -17.28 -23.68
CA PHE A 43 -13.78 -16.16 -23.92
C PHE A 43 -13.09 -14.82 -24.01
N ALA A 44 -11.76 -14.77 -23.86
CA ALA A 44 -11.05 -13.50 -23.89
C ALA A 44 -9.79 -13.49 -24.73
N GLN A 45 -9.36 -14.63 -25.28
CA GLN A 45 -8.12 -14.73 -26.03
C GLN A 45 -8.02 -13.66 -27.12
N SER A 46 -9.10 -13.47 -27.88
CA SER A 46 -9.12 -12.43 -28.91
C SER A 46 -8.97 -11.04 -28.28
N THR A 47 -9.61 -10.82 -27.13
CA THR A 47 -9.51 -9.53 -26.47
C THR A 47 -8.12 -9.30 -25.89
N VAL A 48 -7.53 -10.35 -25.28
CA VAL A 48 -6.19 -10.22 -24.72
C VAL A 48 -5.19 -9.89 -25.82
N GLU A 49 -5.23 -10.63 -26.92
CA GLU A 49 -4.28 -10.40 -28.01
C GLU A 49 -4.40 -8.98 -28.56
N LYS A 50 -5.60 -8.62 -29.03
CA LYS A 50 -5.81 -7.30 -29.64
C LYS A 50 -5.25 -6.17 -28.79
N SER A 51 -5.41 -6.26 -27.47
CA SER A 51 -4.85 -5.23 -26.59
C SER A 51 -3.33 -5.26 -26.63
N PHE A 52 -2.72 -6.45 -26.66
CA PHE A 52 -1.27 -6.55 -26.71
C PHE A 52 -0.72 -6.06 -28.05
N LYS A 53 -1.36 -6.44 -29.16
CA LYS A 53 -0.88 -6.04 -30.47
C LYS A 53 -1.07 -4.54 -30.69
N ASP A 54 -2.25 -4.01 -30.34
CA ASP A 54 -2.50 -2.59 -30.51
C ASP A 54 -1.59 -1.73 -29.65
N ALA A 55 -0.97 -2.30 -28.62
CA ALA A 55 0.05 -1.62 -27.85
C ALA A 55 1.46 -1.89 -28.38
N GLY A 56 1.59 -2.76 -29.38
CA GLY A 56 2.88 -3.07 -29.95
C GLY A 56 3.71 -4.00 -29.10
N LEU A 57 3.13 -5.11 -28.67
CA LEU A 57 3.81 -6.06 -27.80
C LEU A 57 3.71 -7.46 -28.37
N VAL A 58 4.78 -8.23 -28.20
CA VAL A 58 4.78 -9.64 -28.57
C VAL A 58 4.10 -10.43 -27.45
N VAL A 59 3.29 -11.41 -27.84
CA VAL A 59 2.52 -12.19 -26.88
C VAL A 59 2.53 -13.66 -27.31
N GLU A 60 2.63 -14.55 -26.34
CA GLU A 60 2.50 -15.98 -26.57
C GLU A 60 1.71 -16.58 -25.42
N ILE A 61 0.63 -17.27 -25.77
CA ILE A 61 -0.35 -17.73 -24.78
C ILE A 61 -0.18 -19.23 -24.56
N ALA A 62 -0.20 -19.63 -23.29
CA ALA A 62 0.07 -21.01 -22.89
C ALA A 62 -0.99 -21.46 -21.90
N PRO A 63 -1.96 -22.26 -22.34
CA PRO A 63 -3.02 -22.73 -21.44
C PRO A 63 -2.48 -23.35 -20.16
N PHE A 64 -3.17 -23.10 -19.07
CA PHE A 64 -2.76 -23.53 -17.74
C PHE A 64 -3.33 -24.90 -17.44
N GLY A 65 -2.50 -25.76 -16.82
CA GLY A 65 -2.88 -27.14 -16.61
C GLY A 65 -4.09 -27.32 -15.70
N GLY A 66 -4.24 -26.44 -14.72
CA GLY A 66 -5.35 -26.49 -13.78
C GLY A 66 -4.93 -26.64 -12.33
N GLU A 67 -3.70 -27.08 -12.07
CA GLU A 67 -3.19 -27.22 -10.72
C GLU A 67 -1.83 -26.56 -10.61
N CYS A 68 -1.55 -26.01 -9.43
CA CYS A 68 -0.26 -25.38 -9.14
C CYS A 68 0.70 -26.45 -8.67
N SER A 69 1.52 -26.96 -9.59
CA SER A 69 2.46 -28.03 -9.30
C SER A 69 3.79 -27.73 -9.99
N GLN A 70 4.88 -28.17 -9.36
CA GLN A 70 6.21 -27.98 -9.93
C GLN A 70 6.27 -28.52 -11.36
N ASN A 71 5.70 -29.69 -11.60
CA ASN A 71 5.60 -30.22 -12.96
C ASN A 71 4.92 -29.22 -13.88
N GLU A 72 3.90 -28.53 -13.39
CA GLU A 72 3.20 -27.55 -14.21
C GLU A 72 4.06 -26.31 -14.44
N ILE A 73 4.80 -25.87 -13.43
CA ILE A 73 5.74 -24.77 -13.63
C ILE A 73 6.85 -25.18 -14.58
N ASP A 74 7.38 -26.41 -14.42
CA ASP A 74 8.48 -26.86 -15.27
C ASP A 74 8.07 -26.93 -16.73
N ARG A 75 6.86 -27.42 -17.00
CA ARG A 75 6.34 -27.40 -18.37
C ARG A 75 6.31 -25.97 -18.91
N LEU A 76 5.76 -25.04 -18.13
CA LEU A 76 5.70 -23.65 -18.56
C LEU A 76 7.08 -23.00 -18.52
N ARG A 77 7.97 -23.46 -17.63
CA ARG A 77 9.36 -23.01 -17.67
C ARG A 77 9.98 -23.30 -19.03
N GLY A 78 9.64 -24.45 -19.62
CA GLY A 78 10.18 -24.78 -20.93
C GLY A 78 9.62 -23.88 -22.03
N ILE A 79 8.31 -23.62 -21.99
CA ILE A 79 7.70 -22.74 -22.99
C ILE A 79 8.25 -21.33 -22.87
N ALA A 80 8.50 -20.88 -21.62
CA ALA A 80 9.05 -19.55 -21.41
C ALA A 80 10.48 -19.45 -21.95
N GLU A 81 11.30 -20.48 -21.71
CA GLU A 81 12.65 -20.50 -22.26
C GLU A 81 12.62 -20.47 -23.77
N THR A 82 11.66 -21.18 -24.38
CA THR A 82 11.49 -21.10 -25.83
C THR A 82 10.88 -19.76 -26.25
N ALA A 83 9.95 -19.24 -25.44
CA ALA A 83 9.27 -18.00 -25.80
C ALA A 83 10.23 -16.81 -25.81
N GLN A 84 11.29 -16.86 -24.98
CA GLN A 84 12.24 -15.77 -24.87
C GLN A 84 11.53 -14.47 -24.48
N CYS A 85 10.73 -14.55 -23.43
CA CYS A 85 9.84 -13.47 -23.01
C CYS A 85 10.46 -12.65 -21.89
N GLY A 86 9.97 -11.42 -21.76
CA GLY A 86 10.48 -10.49 -20.77
C GLY A 86 9.66 -10.38 -19.51
N ALA A 87 8.46 -10.96 -19.50
CA ALA A 87 7.60 -10.91 -18.32
C ALA A 87 6.49 -11.95 -18.47
N ILE A 88 5.84 -12.24 -17.36
CA ILE A 88 4.78 -13.24 -17.28
C ILE A 88 3.48 -12.56 -16.91
N LEU A 89 2.39 -12.99 -17.55
CA LEU A 89 1.04 -12.52 -17.24
C LEU A 89 0.16 -13.71 -16.88
N GLY A 90 -0.37 -13.72 -15.66
CA GLY A 90 -1.32 -14.72 -15.25
C GLY A 90 -2.72 -14.15 -15.26
N ILE A 91 -3.62 -14.83 -15.98
CA ILE A 91 -5.01 -14.41 -16.11
C ILE A 91 -5.91 -15.61 -15.79
N GLY A 92 -6.60 -15.54 -14.66
CA GLY A 92 -7.43 -16.62 -14.21
C GLY A 92 -7.77 -16.55 -12.74
N GLY A 93 -7.74 -17.70 -12.05
CA GLY A 93 -8.02 -17.78 -10.64
C GLY A 93 -6.75 -17.96 -9.83
N GLY A 94 -6.95 -18.15 -8.52
CA GLY A 94 -5.83 -18.24 -7.59
C GLY A 94 -4.80 -19.28 -7.99
N LYS A 95 -5.22 -20.35 -8.66
CA LYS A 95 -4.27 -21.37 -9.11
C LYS A 95 -3.46 -20.86 -10.30
N THR A 96 -4.13 -20.26 -11.28
CA THR A 96 -3.41 -19.66 -12.40
C THR A 96 -2.50 -18.52 -11.94
N LEU A 97 -2.90 -17.81 -10.89
CA LEU A 97 -2.13 -16.65 -10.43
C LEU A 97 -0.90 -17.08 -9.63
N ASP A 98 -1.07 -18.02 -8.70
CA ASP A 98 0.09 -18.55 -7.97
C ASP A 98 1.07 -19.22 -8.92
N THR A 99 0.55 -19.89 -9.97
CA THR A 99 1.43 -20.53 -10.95
C THR A 99 2.27 -19.48 -11.68
N ALA A 100 1.64 -18.40 -12.14
CA ALA A 100 2.36 -17.37 -12.86
C ALA A 100 3.36 -16.64 -11.97
N LYS A 101 3.04 -16.49 -10.68
CA LYS A 101 3.99 -15.87 -9.76
C LYS A 101 5.22 -16.74 -9.58
N ALA A 102 5.02 -18.07 -9.51
CA ALA A 102 6.16 -18.98 -9.35
C ALA A 102 6.98 -19.05 -10.62
N LEU A 103 6.32 -19.06 -11.78
CA LEU A 103 7.05 -19.11 -13.05
C LEU A 103 7.94 -17.89 -13.23
N ALA A 104 7.41 -16.70 -12.93
CA ALA A 104 8.20 -15.48 -13.03
C ALA A 104 9.31 -15.43 -12.00
N HIS A 105 9.18 -16.18 -10.89
CA HIS A 105 10.23 -16.22 -9.90
C HIS A 105 11.43 -17.02 -10.40
N PHE A 106 11.17 -18.23 -10.90
CA PHE A 106 12.26 -19.08 -11.40
C PHE A 106 12.83 -18.54 -12.70
N MET A 107 12.04 -17.80 -13.47
CA MET A 107 12.54 -17.16 -14.68
C MET A 107 13.24 -15.83 -14.40
N GLY A 108 12.93 -15.20 -13.27
CA GLY A 108 13.56 -13.94 -12.92
C GLY A 108 13.07 -12.75 -13.71
N VAL A 109 11.76 -12.70 -13.99
CA VAL A 109 11.18 -11.61 -14.76
C VAL A 109 10.05 -11.02 -13.93
N PRO A 110 9.59 -9.81 -14.28
CA PRO A 110 8.38 -9.27 -13.64
C PRO A 110 7.17 -10.14 -13.94
N VAL A 111 6.11 -9.92 -13.16
CA VAL A 111 4.87 -10.68 -13.30
C VAL A 111 3.69 -9.71 -13.21
N ALA A 112 2.74 -9.85 -14.12
CA ALA A 112 1.47 -9.17 -14.04
C ALA A 112 0.39 -10.19 -13.66
N ILE A 113 -0.56 -9.76 -12.84
CA ILE A 113 -1.58 -10.65 -12.28
C ILE A 113 -2.94 -10.06 -12.60
N ALA A 114 -3.71 -10.76 -13.45
CA ALA A 114 -5.04 -10.31 -13.84
C ALA A 114 -6.07 -11.28 -13.28
N PRO A 115 -6.62 -11.03 -12.09
CA PRO A 115 -7.63 -11.94 -11.54
C PRO A 115 -8.94 -11.79 -12.28
N THR A 116 -9.51 -12.92 -12.71
CA THR A 116 -10.83 -12.95 -13.32
C THR A 116 -11.93 -13.27 -12.32
N ILE A 117 -11.57 -13.49 -11.05
CA ILE A 117 -12.53 -13.64 -9.96
C ILE A 117 -11.94 -12.99 -8.72
N ALA A 118 -12.83 -12.50 -7.85
CA ALA A 118 -12.40 -12.02 -6.54
C ALA A 118 -12.75 -13.06 -5.49
N SER A 119 -12.10 -14.22 -5.57
CA SER A 119 -12.43 -15.37 -4.73
C SER A 119 -11.49 -15.56 -3.55
N THR A 120 -10.26 -15.06 -3.64
CA THR A 120 -9.28 -15.17 -2.58
C THR A 120 -8.48 -13.88 -2.51
N ASP A 121 -7.57 -13.80 -1.53
CA ASP A 121 -6.59 -12.73 -1.44
C ASP A 121 -5.25 -13.13 -2.02
N ALA A 122 -5.23 -14.16 -2.88
CA ALA A 122 -4.00 -14.59 -3.53
C ALA A 122 -3.37 -13.54 -4.46
N PRO A 123 -4.12 -12.79 -5.27
CA PRO A 123 -3.47 -11.97 -6.32
C PRO A 123 -2.29 -11.13 -5.86
N CYS A 124 -2.44 -10.38 -4.78
CA CYS A 124 -1.44 -9.39 -4.39
C CYS A 124 -0.31 -9.96 -3.54
N SER A 125 -0.47 -11.16 -2.99
CA SER A 125 0.48 -11.67 -2.01
C SER A 125 1.79 -12.10 -2.67
N ALA A 126 2.84 -12.10 -1.86
CA ALA A 126 4.16 -12.57 -2.28
C ALA A 126 4.40 -14.02 -1.88
N LEU A 127 3.47 -14.90 -2.26
CA LEU A 127 3.63 -16.32 -1.99
C LEU A 127 2.75 -17.11 -2.95
N SER A 128 3.19 -18.34 -3.24
CA SER A 128 2.47 -19.25 -4.11
C SER A 128 2.31 -20.58 -3.40
N VAL A 129 1.09 -21.08 -3.35
CA VAL A 129 0.80 -22.38 -2.75
C VAL A 129 0.93 -23.45 -3.84
N ILE A 130 1.84 -24.38 -3.65
CA ILE A 130 2.11 -25.44 -4.62
C ILE A 130 1.42 -26.72 -4.15
N TYR A 131 0.95 -27.51 -5.11
CA TYR A 131 0.27 -28.76 -4.82
C TYR A 131 0.89 -29.88 -5.64
N THR A 132 0.61 -31.12 -5.23
CA THR A 132 0.87 -32.25 -6.10
C THR A 132 -0.08 -32.20 -7.29
N ASP A 133 0.27 -32.91 -8.35
CA ASP A 133 -0.55 -32.89 -9.56
C ASP A 133 -1.95 -33.46 -9.32
N GLU A 134 -2.20 -34.04 -8.15
CA GLU A 134 -3.52 -34.57 -7.80
C GLU A 134 -4.39 -33.53 -7.10
N GLY A 135 -3.79 -32.68 -6.26
CA GLY A 135 -4.55 -31.65 -5.58
C GLY A 135 -4.31 -31.61 -4.09
N GLU A 136 -3.32 -32.35 -3.62
CA GLU A 136 -2.95 -32.38 -2.21
C GLU A 136 -1.77 -31.46 -1.97
N PHE A 137 -1.77 -30.80 -0.82
CA PHE A 137 -0.80 -29.76 -0.53
C PHE A 137 0.63 -30.28 -0.64
N ASP A 138 1.51 -29.44 -1.18
CA ASP A 138 2.92 -29.78 -1.33
C ASP A 138 3.79 -28.87 -0.48
N ARG A 139 3.97 -27.61 -0.87
CA ARG A 139 4.89 -26.73 -0.17
C ARG A 139 4.48 -25.28 -0.40
N TYR A 140 4.84 -24.41 0.54
CA TYR A 140 4.74 -22.97 0.36
C TYR A 140 6.00 -22.47 -0.32
N LEU A 141 5.83 -21.72 -1.39
CA LEU A 141 6.95 -21.06 -2.06
C LEU A 141 6.85 -19.57 -1.70
N LEU A 142 7.55 -19.19 -0.63
CA LEU A 142 7.54 -17.80 -0.19
C LEU A 142 8.42 -16.98 -1.12
N LEU A 143 7.81 -16.00 -1.79
CA LEU A 143 8.40 -15.24 -2.88
C LEU A 143 9.10 -13.99 -2.36
N PRO A 144 10.15 -13.53 -3.06
CA PRO A 144 10.83 -12.30 -2.64
C PRO A 144 10.10 -11.02 -3.02
N ASN A 145 9.15 -11.06 -3.95
CA ASN A 145 8.47 -9.87 -4.42
C ASN A 145 6.98 -10.12 -4.56
N ASN A 146 6.20 -9.08 -4.27
CA ASN A 146 4.81 -9.06 -4.68
C ASN A 146 4.75 -8.84 -6.19
N PRO A 147 3.62 -9.17 -6.83
CA PRO A 147 3.51 -8.91 -8.26
C PRO A 147 3.72 -7.44 -8.60
N ASN A 148 4.31 -7.19 -9.77
CA ASN A 148 4.52 -5.82 -10.20
C ASN A 148 3.20 -5.12 -10.48
N MET A 149 2.21 -5.85 -10.97
CA MET A 149 0.95 -5.25 -11.39
C MET A 149 -0.19 -6.23 -11.15
N VAL A 150 -1.26 -5.75 -10.54
CA VAL A 150 -2.50 -6.50 -10.39
C VAL A 150 -3.58 -5.70 -11.09
N ILE A 151 -4.24 -6.32 -12.07
CA ILE A 151 -5.22 -5.65 -12.93
C ILE A 151 -6.51 -6.44 -12.86
N VAL A 152 -7.54 -5.85 -12.25
CA VAL A 152 -8.82 -6.53 -12.03
C VAL A 152 -9.87 -5.90 -12.92
N ASP A 153 -10.44 -6.69 -13.82
CA ASP A 153 -11.55 -6.27 -14.67
C ASP A 153 -12.85 -6.56 -13.94
N THR A 154 -13.53 -5.50 -13.49
CA THR A 154 -14.73 -5.69 -12.68
C THR A 154 -15.88 -6.25 -13.51
N LYS A 155 -15.89 -6.02 -14.82
CA LYS A 155 -16.95 -6.58 -15.65
C LYS A 155 -16.78 -8.09 -15.82
N ILE A 156 -15.54 -8.55 -15.97
CA ILE A 156 -15.29 -9.98 -16.07
C ILE A 156 -15.64 -10.67 -14.76
N VAL A 157 -15.25 -10.08 -13.63
CA VAL A 157 -15.57 -10.65 -12.32
C VAL A 157 -17.08 -10.71 -12.13
N ALA A 158 -17.80 -9.70 -12.64
CA ALA A 158 -19.26 -9.69 -12.51
C ALA A 158 -19.88 -10.87 -13.26
N GLY A 159 -19.33 -11.21 -14.42
CA GLY A 159 -19.85 -12.35 -15.18
C GLY A 159 -19.55 -13.71 -14.57
N ALA A 160 -18.67 -13.75 -13.56
CA ALA A 160 -18.31 -15.00 -12.91
C ALA A 160 -19.45 -15.48 -12.01
N PRO A 161 -19.42 -16.74 -11.58
CA PRO A 161 -20.46 -17.22 -10.67
C PRO A 161 -20.50 -16.42 -9.37
N ALA A 162 -21.73 -16.10 -8.93
CA ALA A 162 -21.89 -15.30 -7.72
C ALA A 162 -21.36 -16.03 -6.49
N ARG A 163 -21.37 -17.38 -6.51
CA ARG A 163 -20.79 -18.14 -5.41
C ARG A 163 -19.33 -17.80 -5.19
N LEU A 164 -18.60 -17.49 -6.27
CA LEU A 164 -17.18 -17.21 -6.14
C LEU A 164 -16.91 -15.83 -5.54
N LEU A 165 -17.83 -14.88 -5.70
CA LEU A 165 -17.68 -13.60 -5.00
C LEU A 165 -17.93 -13.78 -3.51
N ALA A 166 -18.95 -14.57 -3.15
CA ALA A 166 -19.19 -14.86 -1.74
C ALA A 166 -17.97 -15.56 -1.12
N ALA A 167 -17.30 -16.42 -1.88
CA ALA A 167 -16.10 -17.08 -1.40
C ALA A 167 -15.02 -16.06 -1.05
N GLY A 168 -14.86 -15.04 -1.89
CA GLY A 168 -13.90 -13.98 -1.59
C GLY A 168 -14.29 -13.16 -0.37
N ILE A 169 -15.59 -12.93 -0.19
CA ILE A 169 -16.07 -12.27 1.02
C ILE A 169 -15.69 -13.08 2.26
N GLY A 170 -15.85 -14.41 2.18
CA GLY A 170 -15.49 -15.25 3.31
C GLY A 170 -14.00 -15.21 3.62
N ASP A 171 -13.17 -15.12 2.58
CA ASP A 171 -11.73 -15.01 2.79
C ASP A 171 -11.38 -13.63 3.37
N ALA A 172 -11.95 -12.58 2.80
CA ALA A 172 -11.63 -11.22 3.25
C ALA A 172 -12.22 -10.90 4.61
N LEU A 173 -13.31 -11.59 5.00
CA LEU A 173 -13.92 -11.33 6.29
C LEU A 173 -13.01 -11.71 7.46
N ALA A 174 -12.04 -12.60 7.23
CA ALA A 174 -11.11 -12.98 8.27
C ALA A 174 -9.97 -11.99 8.44
N THR A 175 -9.72 -11.13 7.44
CA THR A 175 -8.53 -10.30 7.42
C THR A 175 -8.41 -9.46 8.70
N TRP A 176 -9.48 -8.75 9.05
CA TRP A 176 -9.42 -7.86 10.21
C TRP A 176 -9.20 -8.63 11.50
N PHE A 177 -9.94 -9.72 11.70
CA PHE A 177 -9.88 -10.43 12.98
C PHE A 177 -8.55 -11.13 13.17
N GLU A 178 -7.94 -11.63 12.10
CA GLU A 178 -6.64 -12.27 12.23
C GLU A 178 -5.53 -11.25 12.44
N ALA A 179 -5.55 -10.16 11.66
CA ALA A 179 -4.55 -9.11 11.86
C ALA A 179 -4.69 -8.45 13.22
N ARG A 180 -5.93 -8.23 13.67
CA ARG A 180 -6.14 -7.65 14.99
C ARG A 180 -5.64 -8.59 16.08
N ALA A 181 -5.86 -9.89 15.91
CA ALA A 181 -5.32 -10.85 16.87
C ALA A 181 -3.80 -10.86 16.87
N CYS A 182 -3.18 -10.59 15.72
CA CYS A 182 -1.73 -10.60 15.65
C CYS A 182 -1.13 -9.38 16.33
N SER A 183 -1.77 -8.22 16.20
CA SER A 183 -1.26 -7.03 16.88
C SER A 183 -1.51 -7.10 18.38
N ARG A 184 -2.61 -7.72 18.79
CA ARG A 184 -2.84 -7.98 20.22
C ARG A 184 -1.79 -8.91 20.81
N SER A 185 -1.16 -9.73 19.98
CA SER A 185 -0.16 -10.69 20.42
C SER A 185 1.27 -10.26 20.09
N GLY A 186 1.45 -9.22 19.27
CA GLY A 186 2.78 -8.84 18.86
C GLY A 186 3.45 -9.85 17.95
N ALA A 187 2.67 -10.64 17.22
CA ALA A 187 3.24 -11.68 16.38
C ALA A 187 3.88 -11.07 15.13
N THR A 188 4.79 -11.83 14.54
CA THR A 188 5.43 -11.42 13.29
C THR A 188 4.55 -11.80 12.10
N THR A 189 4.50 -10.92 11.11
CA THR A 189 3.73 -11.16 9.90
C THR A 189 4.57 -11.88 8.86
N MET A 190 3.94 -12.26 7.75
CA MET A 190 4.66 -12.86 6.65
C MET A 190 5.62 -11.88 5.98
N ALA A 191 5.41 -10.58 6.16
CA ALA A 191 6.34 -9.57 5.67
C ALA A 191 7.66 -9.57 6.44
N GLY A 192 7.71 -10.23 7.60
CA GLY A 192 8.94 -10.37 8.36
C GLY A 192 9.06 -9.46 9.55
N GLY A 193 8.04 -8.68 9.88
CA GLY A 193 8.12 -7.76 11.00
C GLY A 193 6.82 -7.58 11.75
N LYS A 194 6.74 -6.54 12.59
CA LYS A 194 5.54 -6.26 13.33
C LYS A 194 4.55 -5.52 12.43
N CYS A 195 3.34 -5.31 12.96
N CYS A 195 3.35 -5.30 12.96
CA CYS A 195 2.29 -4.67 12.19
CA CYS A 195 2.30 -4.66 12.18
C CYS A 195 2.54 -3.16 12.05
C CYS A 195 2.57 -3.17 12.04
N THR A 196 2.28 -2.63 10.86
CA THR A 196 2.26 -1.20 10.66
C THR A 196 0.85 -0.69 10.91
N GLN A 197 0.74 0.63 11.10
CA GLN A 197 -0.59 1.22 11.19
C GLN A 197 -1.32 1.14 9.85
N ALA A 198 -0.57 1.17 8.75
CA ALA A 198 -1.20 1.10 7.44
C ALA A 198 -1.88 -0.24 7.22
N ALA A 199 -1.23 -1.33 7.62
CA ALA A 199 -1.81 -2.65 7.44
C ALA A 199 -3.06 -2.83 8.28
N LEU A 200 -3.00 -2.42 9.55
CA LEU A 200 -4.16 -2.56 10.43
C LEU A 200 -5.32 -1.69 9.98
N ALA A 201 -5.03 -0.53 9.41
CA ALA A 201 -6.11 0.33 8.90
C ALA A 201 -6.73 -0.25 7.65
N LEU A 202 -5.91 -0.86 6.77
CA LEU A 202 -6.47 -1.50 5.58
C LEU A 202 -7.23 -2.76 5.92
N ALA A 203 -6.80 -3.50 6.95
CA ALA A 203 -7.52 -4.69 7.37
C ALA A 203 -8.88 -4.32 7.97
N GLU A 204 -8.92 -3.26 8.78
CA GLU A 204 -10.20 -2.82 9.33
C GLU A 204 -11.11 -2.23 8.25
N LEU A 205 -10.52 -1.51 7.30
CA LEU A 205 -11.31 -1.00 6.18
C LEU A 205 -11.90 -2.15 5.38
N CYS A 206 -11.20 -3.28 5.32
CA CYS A 206 -11.75 -4.48 4.67
C CYS A 206 -13.00 -4.96 5.38
N TYR A 207 -12.94 -5.10 6.71
CA TYR A 207 -14.08 -5.58 7.48
C TYR A 207 -15.28 -4.67 7.32
N ASN A 208 -15.07 -3.36 7.45
CA ASN A 208 -16.17 -2.41 7.37
C ASN A 208 -16.75 -2.32 5.97
N THR A 209 -15.92 -2.49 4.95
CA THR A 209 -16.42 -2.48 3.57
C THR A 209 -17.34 -3.67 3.33
N LEU A 210 -16.96 -4.86 3.81
CA LEU A 210 -17.81 -6.04 3.67
C LEU A 210 -19.13 -5.87 4.41
N LEU A 211 -19.09 -5.22 5.58
CA LEU A 211 -20.32 -4.98 6.33
C LEU A 211 -21.22 -3.98 5.59
N GLU A 212 -20.64 -2.95 4.99
CA GLU A 212 -21.41 -1.89 4.38
C GLU A 212 -21.82 -2.19 2.94
N GLU A 213 -21.02 -2.98 2.21
CA GLU A 213 -21.26 -3.21 0.80
C GLU A 213 -21.51 -4.66 0.42
N GLY A 214 -21.35 -5.60 1.35
CA GLY A 214 -21.35 -7.02 0.99
C GLY A 214 -22.66 -7.47 0.35
N GLU A 215 -23.79 -7.16 1.00
CA GLU A 215 -25.06 -7.62 0.49
C GLU A 215 -25.50 -6.87 -0.76
N LYS A 216 -25.13 -5.58 -0.87
CA LYS A 216 -25.41 -4.85 -2.10
C LYS A 216 -24.63 -5.41 -3.28
N ALA A 217 -23.40 -5.87 -3.03
CA ALA A 217 -22.57 -6.39 -4.11
C ALA A 217 -23.06 -7.76 -4.58
N MET A 218 -23.57 -8.58 -3.66
CA MET A 218 -24.13 -9.88 -4.05
C MET A 218 -25.30 -9.70 -5.02
N LEU A 219 -26.15 -8.70 -4.78
CA LEU A 219 -27.24 -8.39 -5.70
C LEU A 219 -26.72 -8.13 -7.11
N ALA A 220 -25.65 -7.34 -7.22
CA ALA A 220 -25.06 -7.09 -8.53
C ALA A 220 -24.33 -8.31 -9.05
N ALA A 221 -23.77 -9.14 -8.17
CA ALA A 221 -23.08 -10.35 -8.60
C ALA A 221 -24.07 -11.37 -9.16
N GLU A 222 -25.27 -11.46 -8.56
CA GLU A 222 -26.27 -12.39 -9.06
C GLU A 222 -26.92 -11.91 -10.35
N GLN A 223 -26.93 -10.60 -10.57
CA GLN A 223 -27.38 -10.04 -11.84
C GLN A 223 -26.26 -9.97 -12.87
N HIS A 224 -25.01 -10.25 -12.46
CA HIS A 224 -23.85 -10.20 -13.33
C HIS A 224 -23.69 -8.83 -13.98
N VAL A 225 -23.81 -7.79 -13.15
CA VAL A 225 -23.62 -6.40 -13.55
C VAL A 225 -22.70 -5.73 -12.53
N VAL A 226 -22.22 -4.54 -12.88
CA VAL A 226 -21.24 -3.81 -12.07
C VAL A 226 -21.92 -2.58 -11.47
N THR A 227 -21.83 -2.46 -10.15
CA THR A 227 -22.27 -1.30 -9.40
C THR A 227 -21.12 -0.81 -8.55
N PRO A 228 -21.20 0.42 -8.02
CA PRO A 228 -20.13 0.87 -7.11
C PRO A 228 -19.99 0.00 -5.88
N ALA A 229 -21.06 -0.66 -5.45
CA ALA A 229 -20.97 -1.59 -4.32
C ALA A 229 -20.14 -2.82 -4.69
N LEU A 230 -20.34 -3.36 -5.89
CA LEU A 230 -19.52 -4.49 -6.32
C LEU A 230 -18.08 -4.06 -6.54
N GLU A 231 -17.87 -2.83 -7.03
CA GLU A 231 -16.52 -2.31 -7.19
C GLU A 231 -15.77 -2.28 -5.87
N ARG A 232 -16.45 -1.90 -4.78
CA ARG A 232 -15.79 -1.77 -3.49
C ARG A 232 -15.44 -3.11 -2.90
N VAL A 233 -16.35 -4.09 -3.01
CA VAL A 233 -16.09 -5.41 -2.46
C VAL A 233 -14.95 -6.10 -3.19
N ILE A 234 -14.86 -5.89 -4.51
CA ILE A 234 -13.73 -6.42 -5.28
C ILE A 234 -12.42 -5.88 -4.74
N GLU A 235 -12.37 -4.57 -4.45
CA GLU A 235 -11.16 -3.99 -3.86
C GLU A 235 -10.89 -4.58 -2.48
N ALA A 236 -11.94 -4.72 -1.66
CA ALA A 236 -11.76 -5.30 -0.33
C ALA A 236 -11.31 -6.75 -0.43
N ASN A 237 -11.82 -7.48 -1.42
CA ASN A 237 -11.48 -8.89 -1.56
C ASN A 237 -10.08 -9.11 -2.12
N THR A 238 -9.51 -8.11 -2.79
CA THR A 238 -8.25 -8.28 -3.51
C THR A 238 -7.13 -7.47 -2.87
N TYR A 239 -7.20 -6.15 -2.88
CA TYR A 239 -6.09 -5.35 -2.36
C TYR A 239 -6.10 -5.29 -0.83
N LEU A 240 -7.24 -4.92 -0.24
CA LEU A 240 -7.29 -4.74 1.21
C LEU A 240 -7.02 -6.05 1.94
N SER A 241 -7.68 -7.12 1.52
CA SER A 241 -7.47 -8.40 2.17
C SER A 241 -6.08 -8.96 1.88
N GLY A 242 -5.53 -8.65 0.70
CA GLY A 242 -4.21 -9.16 0.36
C GLY A 242 -3.11 -8.51 1.18
N VAL A 243 -3.10 -7.17 1.24
CA VAL A 243 -2.11 -6.48 2.05
C VAL A 243 -2.39 -6.73 3.54
N GLY A 244 -3.67 -6.79 3.91
CA GLY A 244 -4.02 -6.94 5.32
C GLY A 244 -3.64 -8.28 5.91
N PHE A 245 -3.71 -9.35 5.11
CA PHE A 245 -3.30 -10.65 5.64
C PHE A 245 -1.79 -10.80 5.64
N GLU A 246 -1.13 -10.34 4.57
CA GLU A 246 0.31 -10.55 4.46
C GLU A 246 1.09 -9.63 5.39
N SER A 247 0.67 -8.38 5.50
CA SER A 247 1.36 -7.41 6.35
C SER A 247 0.69 -7.19 7.69
N GLY A 248 -0.46 -7.83 7.92
CA GLY A 248 -1.13 -7.73 9.20
C GLY A 248 -1.05 -9.01 10.00
N GLY A 249 -1.01 -10.15 9.32
CA GLY A 249 -0.79 -11.42 9.95
C GLY A 249 -2.02 -12.31 9.93
N LEU A 250 -1.78 -13.62 10.06
CA LEU A 250 -2.82 -14.62 10.13
C LEU A 250 -2.88 -15.24 11.53
N ALA A 251 -4.00 -15.88 11.82
CA ALA A 251 -4.21 -16.43 13.16
C ALA A 251 -4.96 -17.75 13.12
N ALA A 252 -6.01 -17.86 13.94
CA ALA A 252 -6.72 -19.13 14.07
C ALA A 252 -7.65 -19.42 12.90
N ALA A 253 -8.22 -18.37 12.29
CA ALA A 253 -9.20 -18.57 11.23
C ALA A 253 -8.61 -19.39 10.08
N HIS A 254 -7.36 -19.09 9.69
CA HIS A 254 -6.76 -19.81 8.58
C HIS A 254 -6.14 -21.12 9.02
N ALA A 255 -5.65 -21.20 10.26
CA ALA A 255 -5.22 -22.48 10.79
C ALA A 255 -6.37 -23.47 10.85
N VAL A 256 -7.58 -22.99 11.12
CA VAL A 256 -8.75 -23.87 11.13
C VAL A 256 -9.15 -24.25 9.72
N HIS A 257 -9.03 -23.31 8.77
CA HIS A 257 -9.27 -23.65 7.37
C HIS A 257 -8.36 -24.77 6.91
N ASN A 258 -7.09 -24.75 7.32
CA ASN A 258 -6.17 -25.82 6.94
C ASN A 258 -6.57 -27.15 7.55
N GLY A 259 -7.05 -27.12 8.79
CA GLY A 259 -7.50 -28.35 9.43
C GLY A 259 -8.73 -28.95 8.77
N LEU A 260 -9.59 -28.10 8.19
CA LEU A 260 -10.76 -28.61 7.50
C LEU A 260 -10.39 -29.29 6.19
N THR A 261 -9.29 -28.87 5.56
CA THR A 261 -8.81 -29.54 4.36
C THR A 261 -8.40 -30.98 4.63
N ALA A 262 -8.11 -31.32 5.89
CA ALA A 262 -7.80 -32.70 6.26
C ALA A 262 -9.04 -33.57 6.41
N ILE A 263 -10.23 -32.98 6.30
CA ILE A 263 -11.49 -33.73 6.37
C ILE A 263 -12.01 -33.88 4.94
N PRO A 264 -12.09 -35.09 4.40
CA PRO A 264 -12.54 -35.23 3.00
C PRO A 264 -13.97 -34.78 2.76
N ASP A 265 -14.77 -34.61 3.82
CA ASP A 265 -16.16 -34.17 3.64
C ASP A 265 -16.22 -32.76 3.07
N ALA A 266 -15.28 -31.90 3.42
CA ALA A 266 -15.30 -30.49 3.03
C ALA A 266 -14.42 -30.19 1.82
N HIS A 267 -14.04 -31.21 1.05
CA HIS A 267 -13.15 -30.98 -0.09
C HIS A 267 -13.83 -30.20 -1.20
N HIS A 268 -15.15 -30.36 -1.38
CA HIS A 268 -15.84 -29.72 -2.49
C HIS A 268 -16.29 -28.30 -2.18
N TYR A 269 -15.71 -27.67 -1.16
CA TYR A 269 -16.02 -26.28 -0.84
C TYR A 269 -14.82 -25.40 -1.14
N TYR A 270 -15.07 -24.19 -1.61
CA TYR A 270 -14.02 -23.28 -2.00
C TYR A 270 -13.21 -22.82 -0.79
N HIS A 271 -12.11 -22.13 -1.09
CA HIS A 271 -11.19 -21.71 -0.04
C HIS A 271 -11.86 -20.78 0.96
N GLY A 272 -12.51 -19.73 0.48
CA GLY A 272 -13.14 -18.76 1.37
C GLY A 272 -14.31 -19.33 2.14
N GLU A 273 -14.96 -20.36 1.60
CA GLU A 273 -16.09 -20.97 2.29
C GLU A 273 -15.63 -21.68 3.57
N LYS A 274 -14.45 -22.31 3.53
CA LYS A 274 -13.91 -22.93 4.74
C LYS A 274 -13.39 -21.89 5.71
N VAL A 275 -12.74 -20.84 5.18
CA VAL A 275 -12.25 -19.75 6.02
C VAL A 275 -13.40 -19.10 6.77
N ALA A 276 -14.59 -19.04 6.16
CA ALA A 276 -15.73 -18.41 6.79
C ALA A 276 -16.09 -19.07 8.12
N PHE A 277 -16.05 -20.41 8.18
CA PHE A 277 -16.31 -21.06 9.45
C PHE A 277 -15.13 -20.93 10.40
N GLY A 278 -13.91 -20.86 9.85
CA GLY A 278 -12.74 -20.65 10.70
C GLY A 278 -12.79 -19.33 11.44
N THR A 279 -13.34 -18.29 10.81
CA THR A 279 -13.48 -17.00 11.47
C THR A 279 -14.41 -17.09 12.67
N LEU A 280 -15.52 -17.81 12.53
CA LEU A 280 -16.42 -18.00 13.67
C LEU A 280 -15.76 -18.84 14.76
N THR A 281 -15.00 -19.86 14.37
CA THR A 281 -14.22 -20.60 15.35
C THR A 281 -13.28 -19.68 16.12
N GLN A 282 -12.60 -18.77 15.40
CA GLN A 282 -11.69 -17.85 16.07
C GLN A 282 -12.45 -16.92 17.01
N LEU A 283 -13.62 -16.45 16.59
CA LEU A 283 -14.39 -15.54 17.44
C LEU A 283 -14.83 -16.20 18.73
N VAL A 284 -15.07 -17.51 18.70
CA VAL A 284 -15.34 -18.24 19.93
C VAL A 284 -14.04 -18.42 20.72
N LEU A 285 -12.94 -18.71 20.02
CA LEU A 285 -11.67 -18.99 20.68
C LEU A 285 -11.16 -17.78 21.46
N GLU A 286 -11.30 -16.58 20.90
CA GLU A 286 -10.91 -15.36 21.58
C GLU A 286 -12.05 -14.74 22.38
N ASN A 287 -13.19 -15.42 22.47
CA ASN A 287 -14.34 -14.99 23.25
C ASN A 287 -14.79 -13.57 22.87
N ALA A 288 -15.00 -13.38 21.57
CA ALA A 288 -15.49 -12.10 21.06
C ALA A 288 -16.86 -11.80 21.67
N PRO A 289 -17.24 -10.52 21.74
CA PRO A 289 -18.56 -10.17 22.28
C PRO A 289 -19.67 -10.72 21.39
N VAL A 290 -20.84 -10.90 22.02
CA VAL A 290 -21.99 -11.50 21.33
C VAL A 290 -22.35 -10.70 20.09
N GLU A 291 -22.33 -9.37 20.18
CA GLU A 291 -22.67 -8.53 19.04
C GLU A 291 -21.64 -8.67 17.92
N GLU A 292 -20.38 -8.95 18.25
CA GLU A 292 -19.38 -9.17 17.21
C GLU A 292 -19.60 -10.49 16.48
N ILE A 293 -19.95 -11.54 17.21
CA ILE A 293 -20.19 -12.84 16.59
C ILE A 293 -21.48 -12.80 15.77
N GLU A 294 -22.52 -12.16 16.30
CA GLU A 294 -23.79 -12.09 15.58
C GLU A 294 -23.64 -11.33 14.28
N THR A 295 -22.85 -10.26 14.28
CA THR A 295 -22.66 -9.47 13.06
C THR A 295 -21.88 -10.24 12.00
N VAL A 296 -20.86 -10.99 12.42
CA VAL A 296 -20.10 -11.81 11.47
C VAL A 296 -20.96 -12.96 10.98
N ALA A 297 -21.66 -13.65 11.88
CA ALA A 297 -22.54 -14.73 11.49
C ALA A 297 -23.66 -14.24 10.56
N ALA A 298 -24.19 -13.04 10.82
CA ALA A 298 -25.27 -12.52 10.00
C ALA A 298 -24.80 -12.24 8.58
N LEU A 299 -23.64 -11.59 8.43
CA LEU A 299 -23.13 -11.28 7.10
C LEU A 299 -22.75 -12.55 6.35
N SER A 300 -22.14 -13.51 7.04
CA SER A 300 -21.76 -14.76 6.39
C SER A 300 -23.00 -15.48 5.84
N HIS A 301 -24.05 -15.57 6.65
CA HIS A 301 -25.29 -16.21 6.20
C HIS A 301 -25.96 -15.40 5.10
N ALA A 302 -25.91 -14.08 5.18
CA ALA A 302 -26.62 -13.24 4.23
C ALA A 302 -26.05 -13.34 2.82
N VAL A 303 -24.81 -13.80 2.66
CA VAL A 303 -24.19 -13.94 1.35
C VAL A 303 -24.04 -15.41 0.94
N GLY A 304 -24.41 -16.35 1.80
CA GLY A 304 -24.37 -17.75 1.46
C GLY A 304 -23.19 -18.53 1.98
N LEU A 305 -22.53 -18.07 3.02
CA LEU A 305 -21.35 -18.75 3.51
C LEU A 305 -21.72 -19.77 4.60
N PRO A 306 -20.88 -20.80 4.78
CA PRO A 306 -21.18 -21.78 5.83
C PRO A 306 -20.94 -21.19 7.22
N ILE A 307 -21.93 -21.34 8.09
CA ILE A 307 -21.80 -20.99 9.49
C ILE A 307 -22.01 -22.19 10.40
N THR A 308 -22.14 -23.39 9.83
CA THR A 308 -22.23 -24.63 10.60
C THR A 308 -21.39 -25.70 9.92
N LEU A 309 -21.03 -26.72 10.70
CA LEU A 309 -20.25 -27.83 10.16
C LEU A 309 -21.04 -28.60 9.10
N ALA A 310 -22.37 -28.67 9.24
CA ALA A 310 -23.17 -29.40 8.26
C ALA A 310 -23.18 -28.68 6.92
N GLN A 311 -23.15 -27.34 6.92
CA GLN A 311 -23.06 -26.59 5.68
C GLN A 311 -21.73 -26.77 4.97
N LEU A 312 -20.74 -27.40 5.64
CA LEU A 312 -19.54 -27.87 4.99
C LEU A 312 -19.58 -29.38 4.76
N ASP A 313 -20.78 -29.97 4.79
CA ASP A 313 -20.99 -31.40 4.54
C ASP A 313 -20.38 -32.29 5.61
N ILE A 314 -20.21 -31.76 6.82
CA ILE A 314 -19.69 -32.51 7.95
C ILE A 314 -20.87 -32.81 8.86
N LYS A 315 -21.45 -34.01 8.72
CA LYS A 315 -22.64 -34.39 9.47
C LYS A 315 -22.48 -35.64 10.30
N GLU A 316 -21.50 -36.49 10.02
CA GLU A 316 -21.29 -37.74 10.74
C GLU A 316 -19.91 -37.75 11.37
N ASP A 317 -19.81 -38.33 12.56
CA ASP A 317 -18.55 -38.43 13.30
C ASP A 317 -17.93 -37.04 13.52
N VAL A 318 -18.74 -36.11 13.99
CA VAL A 318 -18.31 -34.72 14.15
C VAL A 318 -17.23 -34.61 15.22
N PRO A 319 -17.37 -35.23 16.41
CA PRO A 319 -16.26 -35.13 17.39
C PRO A 319 -14.94 -35.70 16.89
N ALA A 320 -14.96 -36.89 16.29
CA ALA A 320 -13.73 -37.48 15.79
C ALA A 320 -13.11 -36.61 14.70
N LYS A 321 -13.93 -36.07 13.80
CA LYS A 321 -13.41 -35.22 12.75
C LYS A 321 -12.87 -33.90 13.31
N MET A 322 -13.52 -33.36 14.34
CA MET A 322 -13.05 -32.10 14.91
C MET A 322 -11.77 -32.29 15.71
N ARG A 323 -11.56 -33.48 16.29
CA ARG A 323 -10.26 -33.79 16.88
C ARG A 323 -9.16 -33.67 15.84
N ILE A 324 -9.42 -34.17 14.63
CA ILE A 324 -8.43 -34.10 13.55
C ILE A 324 -8.19 -32.66 13.14
N VAL A 325 -9.25 -31.87 13.02
CA VAL A 325 -9.10 -30.47 12.59
C VAL A 325 -8.29 -29.69 13.62
N ALA A 326 -8.56 -29.90 14.90
CA ALA A 326 -7.83 -29.18 15.95
C ALA A 326 -6.35 -29.56 15.96
N GLU A 327 -6.06 -30.86 15.84
CA GLU A 327 -4.66 -31.32 15.82
C GLU A 327 -3.90 -30.67 14.68
N ALA A 328 -4.47 -30.67 13.48
CA ALA A 328 -3.80 -30.07 12.33
C ALA A 328 -3.72 -28.56 12.44
N ALA A 329 -4.75 -27.94 13.03
CA ALA A 329 -4.72 -26.49 13.21
C ALA A 329 -3.62 -26.07 14.19
N CYS A 330 -3.28 -26.95 15.13
CA CYS A 330 -2.29 -26.66 16.16
C CYS A 330 -0.90 -27.18 15.81
N ALA A 331 -0.68 -27.58 14.56
CA ALA A 331 0.61 -28.14 14.16
C ALA A 331 1.71 -27.09 14.30
N GLU A 332 2.94 -27.58 14.45
CA GLU A 332 4.10 -26.69 14.60
C GLU A 332 4.25 -25.84 13.35
N GLY A 333 4.33 -24.53 13.53
CA GLY A 333 4.42 -23.59 12.44
C GLY A 333 3.10 -23.04 11.95
N GLU A 334 1.97 -23.50 12.52
CA GLU A 334 0.68 -22.98 12.12
C GLU A 334 0.44 -21.61 12.74
N THR A 335 -0.42 -20.83 12.09
CA THR A 335 -0.68 -19.46 12.52
C THR A 335 -1.58 -19.36 13.73
N ILE A 336 -2.13 -20.47 14.23
CA ILE A 336 -2.95 -20.40 15.43
C ILE A 336 -2.14 -20.00 16.64
N HIS A 337 -0.83 -20.23 16.61
CA HIS A 337 0.03 -19.85 17.71
C HIS A 337 0.29 -18.35 17.78
N ASN A 338 -0.26 -17.58 16.83
CA ASN A 338 -0.28 -16.13 16.91
C ASN A 338 -1.44 -15.59 17.73
N MET A 339 -2.33 -16.46 18.20
CA MET A 339 -3.42 -16.00 19.06
C MET A 339 -2.86 -15.50 20.39
N PRO A 340 -3.45 -14.46 20.98
CA PRO A 340 -3.04 -14.04 22.33
C PRO A 340 -3.19 -15.18 23.32
N GLY A 341 -2.08 -15.54 23.96
CA GLY A 341 -2.06 -16.64 24.90
C GLY A 341 -1.95 -18.01 24.29
N GLY A 342 -1.82 -18.11 22.97
CA GLY A 342 -1.70 -19.40 22.31
C GLY A 342 -3.01 -20.17 22.32
N ALA A 343 -2.94 -21.40 21.82
CA ALA A 343 -4.12 -22.24 21.70
C ALA A 343 -3.70 -23.70 21.70
N THR A 344 -4.24 -24.47 22.62
CA THR A 344 -4.03 -25.92 22.66
C THR A 344 -5.08 -26.62 21.81
N PRO A 345 -4.79 -27.83 21.33
CA PRO A 345 -5.81 -28.59 20.58
C PRO A 345 -7.13 -28.74 21.32
N ASP A 346 -7.11 -28.81 22.66
CA ASP A 346 -8.34 -28.90 23.43
C ASP A 346 -9.16 -27.62 23.34
N GLN A 347 -8.48 -26.46 23.29
CA GLN A 347 -9.20 -25.19 23.18
C GLN A 347 -9.79 -25.02 21.79
N VAL A 348 -9.05 -25.43 20.76
CA VAL A 348 -9.55 -25.34 19.39
C VAL A 348 -10.72 -26.30 19.19
N TYR A 349 -10.57 -27.54 19.66
CA TYR A 349 -11.67 -28.49 19.59
C TYR A 349 -12.92 -27.94 20.25
N ALA A 350 -12.76 -27.30 21.40
CA ALA A 350 -13.90 -26.71 22.10
C ALA A 350 -14.54 -25.60 21.29
N ALA A 351 -13.72 -24.72 20.70
CA ALA A 351 -14.27 -23.64 19.89
C ALA A 351 -14.97 -24.17 18.64
N LEU A 352 -14.44 -25.26 18.07
CA LEU A 352 -15.05 -25.81 16.86
C LEU A 352 -16.45 -26.32 17.12
N LEU A 353 -16.66 -27.02 18.23
CA LEU A 353 -17.99 -27.51 18.57
C LEU A 353 -18.92 -26.37 18.95
N VAL A 354 -18.41 -25.42 19.75
CA VAL A 354 -19.26 -24.33 20.24
C VAL A 354 -19.68 -23.41 19.11
N ALA A 355 -18.76 -23.11 18.18
CA ALA A 355 -19.11 -22.27 17.04
C ALA A 355 -20.15 -22.94 16.15
N ASP A 356 -20.04 -24.26 15.98
CA ASP A 356 -21.06 -25.00 15.25
C ASP A 356 -22.41 -24.89 15.96
N GLN A 357 -22.42 -24.98 17.28
CA GLN A 357 -23.66 -24.79 18.03
C GLN A 357 -24.22 -23.40 17.83
N TYR A 358 -23.36 -22.38 17.81
CA TYR A 358 -23.84 -21.01 17.62
C TYR A 358 -24.45 -20.84 16.23
N GLY A 359 -23.79 -21.36 15.19
CA GLY A 359 -24.36 -21.29 13.86
C GLY A 359 -25.70 -21.97 13.76
N GLN A 360 -25.87 -23.09 14.46
CA GLN A 360 -27.15 -23.79 14.46
C GLN A 360 -28.23 -22.92 15.12
N ARG A 361 -27.92 -22.36 16.30
CA ARG A 361 -28.86 -21.46 16.96
C ARG A 361 -29.21 -20.29 16.06
N PHE A 362 -28.22 -19.73 15.36
CA PHE A 362 -28.46 -18.56 14.53
C PHE A 362 -29.44 -18.90 13.40
N LEU A 363 -29.22 -20.03 12.73
CA LEU A 363 -30.10 -20.40 11.63
C LEU A 363 -31.52 -20.69 12.12
N GLN A 364 -31.66 -21.25 13.32
CA GLN A 364 -32.98 -21.52 13.88
C GLN A 364 -33.75 -20.22 14.13
N GLU A 365 -33.09 -19.26 14.77
CA GLU A 365 -33.73 -17.99 15.12
C GLU A 365 -33.93 -17.08 13.90
N TRP A 366 -33.47 -17.49 12.72
CA TRP A 366 -33.66 -16.72 11.51
C TRP A 366 -34.95 -17.09 10.78
N GLU A 367 -35.61 -18.18 11.17
CA GLU A 367 -36.87 -18.59 10.55
C GLU A 367 -37.96 -18.74 11.60
N MET B 1 -13.68 6.16 -14.42
CA MET B 1 -12.71 5.35 -15.15
C MET B 1 -12.01 4.37 -14.21
N ASP B 2 -10.75 4.05 -14.53
CA ASP B 2 -10.00 3.10 -13.74
C ASP B 2 -9.57 3.70 -12.41
N ARG B 3 -9.49 2.86 -11.39
CA ARG B 3 -9.04 3.27 -10.07
C ARG B 3 -7.73 2.56 -9.77
N ILE B 4 -6.71 3.33 -9.41
CA ILE B 4 -5.33 2.84 -9.32
C ILE B 4 -4.73 3.27 -7.98
N ILE B 5 -3.92 2.40 -7.40
CA ILE B 5 -3.10 2.72 -6.24
C ILE B 5 -1.69 2.18 -6.49
N GLN B 6 -0.69 3.02 -6.22
CA GLN B 6 0.71 2.64 -6.36
C GLN B 6 1.37 2.61 -4.98
N SER B 7 2.48 1.89 -4.89
CA SER B 7 3.16 1.73 -3.61
C SER B 7 4.57 1.23 -3.86
N PRO B 8 5.51 1.55 -2.97
CA PRO B 8 6.79 0.86 -2.99
C PRO B 8 6.62 -0.61 -2.63
N GLY B 9 7.53 -1.44 -3.14
CA GLY B 9 7.40 -2.88 -2.90
C GLY B 9 7.51 -3.24 -1.44
N LYS B 10 8.35 -2.55 -0.69
CA LYS B 10 8.64 -2.90 0.70
C LYS B 10 8.93 -1.61 1.47
N TYR B 11 8.28 -1.45 2.61
CA TYR B 11 8.51 -0.31 3.49
C TYR B 11 8.91 -0.83 4.86
N ILE B 12 10.11 -0.49 5.30
CA ILE B 12 10.67 -0.95 6.56
C ILE B 12 10.97 0.25 7.45
N GLN B 13 10.67 0.12 8.73
CA GLN B 13 10.80 1.21 9.67
C GLN B 13 11.18 0.63 11.03
N GLY B 14 12.31 1.06 11.58
CA GLY B 14 12.75 0.54 12.86
C GLY B 14 13.93 1.31 13.41
N ALA B 15 14.08 1.21 14.72
CA ALA B 15 15.21 1.85 15.39
C ALA B 15 16.50 1.11 15.08
N ASP B 16 17.52 1.86 14.64
CA ASP B 16 18.85 1.32 14.35
C ASP B 16 18.83 0.31 13.21
N VAL B 17 17.86 0.46 12.29
CA VAL B 17 17.77 -0.45 11.15
C VAL B 17 18.91 -0.25 10.17
N ILE B 18 19.69 0.82 10.32
CA ILE B 18 20.83 1.05 9.45
C ILE B 18 21.89 -0.03 9.62
N ASN B 19 21.91 -0.72 10.76
CA ASN B 19 22.79 -1.87 10.93
C ASN B 19 22.38 -3.03 10.04
N ARG B 20 21.07 -3.24 9.90
CA ARG B 20 20.51 -4.32 9.09
C ARG B 20 20.31 -3.91 7.63
N LEU B 21 20.81 -2.73 7.24
CA LEU B 21 20.59 -2.24 5.88
C LEU B 21 21.15 -3.22 4.84
N GLY B 22 22.34 -3.75 5.07
CA GLY B 22 22.92 -4.70 4.13
C GLY B 22 22.08 -5.95 3.99
N GLU B 23 21.60 -6.50 5.10
CA GLU B 23 20.82 -7.73 5.05
C GLU B 23 19.53 -7.53 4.27
N TYR B 24 18.92 -6.35 4.37
CA TYR B 24 17.67 -6.07 3.69
C TYR B 24 17.87 -5.82 2.19
N LEU B 25 19.03 -5.28 1.81
CA LEU B 25 19.25 -4.88 0.42
C LEU B 25 19.87 -5.99 -0.43
N LYS B 26 20.46 -7.00 0.20
CA LYS B 26 21.10 -8.09 -0.55
C LYS B 26 20.20 -8.76 -1.59
N PRO B 27 18.91 -9.00 -1.34
CA PRO B 27 18.08 -9.63 -2.40
C PRO B 27 17.99 -8.81 -3.67
N LEU B 28 18.29 -7.52 -3.64
CA LEU B 28 18.13 -6.67 -4.82
C LEU B 28 19.34 -6.71 -5.74
N ALA B 29 20.55 -6.63 -5.20
CA ALA B 29 21.76 -6.63 -6.01
C ALA B 29 22.97 -6.87 -5.11
N GLU B 30 24.09 -7.22 -5.75
CA GLU B 30 25.35 -7.42 -5.04
C GLU B 30 26.20 -6.15 -5.01
N ARG B 31 26.24 -5.41 -6.11
CA ARG B 31 27.06 -4.20 -6.23
C ARG B 31 26.19 -2.97 -6.10
N TRP B 32 26.56 -2.06 -5.20
CA TRP B 32 25.72 -0.93 -4.82
C TRP B 32 26.50 0.37 -4.91
N LEU B 33 25.83 1.41 -5.41
CA LEU B 33 26.32 2.78 -5.35
C LEU B 33 25.39 3.58 -4.44
N VAL B 34 25.96 4.26 -3.46
CA VAL B 34 25.20 4.99 -2.45
C VAL B 34 25.33 6.48 -2.71
N VAL B 35 24.19 7.14 -2.93
CA VAL B 35 24.13 8.59 -2.96
C VAL B 35 23.78 9.05 -1.55
N GLY B 36 24.72 9.73 -0.90
CA GLY B 36 24.54 10.06 0.50
C GLY B 36 24.65 11.54 0.84
N ASP B 37 23.71 12.03 1.65
CA ASP B 37 23.74 13.40 2.11
C ASP B 37 25.02 13.65 2.92
N LYS B 38 25.68 14.78 2.64
CA LYS B 38 26.99 15.04 3.22
C LYS B 38 26.93 15.06 4.75
N PHE B 39 25.93 15.75 5.31
CA PHE B 39 25.80 15.82 6.76
C PHE B 39 25.63 14.43 7.36
N VAL B 40 24.84 13.57 6.70
CA VAL B 40 24.59 12.23 7.22
C VAL B 40 25.86 11.39 7.11
N LEU B 41 26.53 11.45 5.96
CA LEU B 41 27.78 10.72 5.79
C LEU B 41 28.83 11.16 6.81
N GLY B 42 28.73 12.39 7.30
CA GLY B 42 29.69 12.87 8.28
C GLY B 42 29.72 12.05 9.54
N PHE B 43 28.55 11.56 9.99
CA PHE B 43 28.48 10.75 11.19
C PHE B 43 28.16 9.28 10.92
N ALA B 44 27.80 8.92 9.68
CA ALA B 44 27.27 7.59 9.42
C ALA B 44 27.95 6.83 8.28
N GLN B 45 28.97 7.39 7.64
CA GLN B 45 29.57 6.72 6.49
C GLN B 45 30.20 5.38 6.88
N SER B 46 30.84 5.33 8.06
CA SER B 46 31.46 4.09 8.50
C SER B 46 30.41 3.05 8.87
N THR B 47 29.29 3.49 9.47
CA THR B 47 28.22 2.56 9.80
C THR B 47 27.59 1.97 8.54
N VAL B 48 27.42 2.80 7.51
CA VAL B 48 26.86 2.32 6.25
C VAL B 48 27.80 1.32 5.59
N GLU B 49 29.10 1.63 5.55
CA GLU B 49 30.06 0.73 4.94
C GLU B 49 30.09 -0.61 5.67
N LYS B 50 30.04 -0.59 7.00
CA LYS B 50 30.00 -1.82 7.78
C LYS B 50 28.78 -2.66 7.43
N SER B 51 27.64 -2.00 7.24
CA SER B 51 26.40 -2.73 6.96
C SER B 51 26.49 -3.52 5.68
N PHE B 52 27.10 -2.94 4.64
CA PHE B 52 27.23 -3.64 3.36
C PHE B 52 28.26 -4.75 3.43
N LYS B 53 29.37 -4.51 4.13
CA LYS B 53 30.42 -5.53 4.21
C LYS B 53 29.96 -6.74 5.01
N ASP B 54 29.18 -6.52 6.07
CA ASP B 54 28.71 -7.62 6.90
C ASP B 54 27.69 -8.51 6.19
N ALA B 55 27.08 -8.02 5.11
CA ALA B 55 26.16 -8.81 4.31
C ALA B 55 26.81 -9.33 3.03
N GLY B 56 28.12 -9.14 2.88
CA GLY B 56 28.82 -9.63 1.71
C GLY B 56 28.58 -8.82 0.46
N LEU B 57 28.27 -7.53 0.59
CA LEU B 57 27.94 -6.67 -0.53
C LEU B 57 29.09 -5.73 -0.85
N VAL B 58 29.15 -5.30 -2.11
CA VAL B 58 30.15 -4.35 -2.59
C VAL B 58 29.50 -2.99 -2.72
N VAL B 59 30.13 -1.97 -2.12
CA VAL B 59 29.52 -0.64 -2.04
C VAL B 59 30.54 0.42 -2.44
N GLU B 60 30.09 1.41 -3.21
CA GLU B 60 30.79 2.66 -3.42
C GLU B 60 29.90 3.79 -2.92
N ILE B 61 30.49 4.76 -2.24
CA ILE B 61 29.74 5.85 -1.61
C ILE B 61 30.10 7.15 -2.31
N ALA B 62 29.09 7.82 -2.84
CA ALA B 62 29.27 9.10 -3.52
C ALA B 62 28.54 10.20 -2.75
N PRO B 63 29.26 11.09 -2.06
CA PRO B 63 28.60 12.20 -1.37
C PRO B 63 27.79 13.06 -2.34
N PHE B 64 26.66 13.57 -1.85
CA PHE B 64 25.66 14.22 -2.68
C PHE B 64 25.87 15.72 -2.73
N GLY B 65 25.76 16.29 -3.93
CA GLY B 65 26.08 17.69 -4.14
C GLY B 65 25.16 18.66 -3.41
N GLY B 66 23.92 18.24 -3.14
CA GLY B 66 22.99 19.06 -2.39
C GLY B 66 21.75 19.49 -3.16
N GLU B 67 21.74 19.33 -4.48
CA GLU B 67 20.60 19.71 -5.30
C GLU B 67 20.28 18.59 -6.27
N CYS B 68 18.99 18.33 -6.46
CA CYS B 68 18.52 17.35 -7.45
C CYS B 68 18.42 18.05 -8.81
N SER B 69 19.56 18.11 -9.49
CA SER B 69 19.66 18.74 -10.80
C SER B 69 20.10 17.70 -11.83
N GLN B 70 19.86 18.02 -13.10
CA GLN B 70 20.31 17.13 -14.17
C GLN B 70 21.82 17.02 -14.20
N ASN B 71 22.54 18.10 -13.83
CA ASN B 71 23.99 18.03 -13.78
C ASN B 71 24.46 17.09 -12.68
N GLU B 72 23.82 17.16 -11.50
CA GLU B 72 24.19 16.25 -10.42
C GLU B 72 23.83 14.81 -10.76
N ILE B 73 22.68 14.61 -11.40
CA ILE B 73 22.30 13.27 -11.84
C ILE B 73 23.30 12.76 -12.87
N ASP B 74 23.62 13.59 -13.86
CA ASP B 74 24.56 13.20 -14.91
C ASP B 74 25.93 12.89 -14.35
N ARG B 75 26.38 13.67 -13.36
CA ARG B 75 27.65 13.38 -12.69
C ARG B 75 27.62 12.00 -12.05
N LEU B 76 26.53 11.67 -11.35
CA LEU B 76 26.44 10.37 -10.69
C LEU B 76 26.23 9.24 -11.68
N ARG B 77 25.65 9.53 -12.85
CA ARG B 77 25.52 8.51 -13.89
C ARG B 77 26.87 7.96 -14.29
N GLY B 78 27.86 8.85 -14.49
CA GLY B 78 29.19 8.40 -14.83
C GLY B 78 29.85 7.60 -13.72
N ILE B 79 29.65 8.03 -12.47
CA ILE B 79 30.20 7.29 -11.34
C ILE B 79 29.59 5.90 -11.27
N ALA B 80 28.30 5.78 -11.61
CA ALA B 80 27.65 4.48 -11.58
C ALA B 80 28.16 3.56 -12.69
N GLU B 81 28.32 4.11 -13.90
CA GLU B 81 28.90 3.34 -15.00
C GLU B 81 30.24 2.73 -14.61
N THR B 82 31.13 3.56 -14.06
CA THR B 82 32.44 3.06 -13.65
C THR B 82 32.31 2.03 -12.52
N ALA B 83 31.35 2.23 -11.61
CA ALA B 83 31.16 1.32 -10.49
C ALA B 83 30.63 -0.03 -10.92
N GLN B 84 29.93 -0.10 -12.06
CA GLN B 84 29.30 -1.33 -12.55
C GLN B 84 28.34 -1.89 -11.50
N CYS B 85 27.52 -1.01 -10.96
CA CYS B 85 26.63 -1.34 -9.85
C CYS B 85 25.28 -1.84 -10.36
N GLY B 86 24.67 -2.74 -9.58
CA GLY B 86 23.36 -3.25 -9.91
C GLY B 86 22.19 -2.51 -9.30
N ALA B 87 22.46 -1.57 -8.38
CA ALA B 87 21.39 -0.87 -7.70
C ALA B 87 21.92 0.41 -7.07
N ILE B 88 21.01 1.33 -6.77
CA ILE B 88 21.32 2.61 -6.16
C ILE B 88 20.62 2.70 -4.82
N LEU B 89 21.34 3.21 -3.82
CA LEU B 89 20.77 3.46 -2.49
C LEU B 89 20.88 4.95 -2.20
N GLY B 90 19.74 5.59 -1.96
CA GLY B 90 19.70 6.99 -1.57
C GLY B 90 19.47 7.10 -0.07
N ILE B 91 20.31 7.90 0.58
CA ILE B 91 20.25 8.07 2.02
C ILE B 91 20.48 9.55 2.34
N GLY B 92 19.48 10.18 2.92
CA GLY B 92 19.51 11.60 3.18
C GLY B 92 18.11 12.18 3.12
N GLY B 93 18.04 13.49 2.90
CA GLY B 93 16.77 14.18 2.78
C GLY B 93 16.13 13.95 1.42
N GLY B 94 14.99 14.60 1.21
CA GLY B 94 14.22 14.41 -0.01
C GLY B 94 15.01 14.74 -1.27
N LYS B 95 15.94 15.69 -1.18
CA LYS B 95 16.75 16.02 -2.35
C LYS B 95 17.71 14.89 -2.71
N THR B 96 18.30 14.25 -1.70
CA THR B 96 19.12 13.08 -1.95
C THR B 96 18.30 11.94 -2.52
N LEU B 97 17.07 11.75 -2.01
CA LEU B 97 16.26 10.61 -2.39
C LEU B 97 15.77 10.73 -3.83
N ASP B 98 15.26 11.90 -4.21
CA ASP B 98 14.83 12.12 -5.58
C ASP B 98 15.98 11.95 -6.57
N THR B 99 17.19 12.33 -6.16
CA THR B 99 18.35 12.18 -7.04
C THR B 99 18.68 10.70 -7.26
N ALA B 100 18.62 9.90 -6.20
CA ALA B 100 18.86 8.46 -6.36
C ALA B 100 17.75 7.80 -7.17
N LYS B 101 16.50 8.26 -7.01
CA LYS B 101 15.41 7.70 -7.79
C LYS B 101 15.60 7.97 -9.28
N ALA B 102 15.99 9.20 -9.63
CA ALA B 102 16.23 9.53 -11.02
C ALA B 102 17.46 8.81 -11.56
N LEU B 103 18.51 8.69 -10.74
CA LEU B 103 19.70 7.98 -11.16
C LEU B 103 19.40 6.54 -11.51
N ALA B 104 18.68 5.83 -10.64
CA ALA B 104 18.36 4.43 -10.89
C ALA B 104 17.47 4.27 -12.11
N HIS B 105 16.65 5.27 -12.42
CA HIS B 105 15.81 5.19 -13.61
C HIS B 105 16.64 5.27 -14.88
N PHE B 106 17.55 6.23 -14.96
CA PHE B 106 18.41 6.35 -16.13
C PHE B 106 19.38 5.18 -16.25
N MET B 107 19.73 4.55 -15.12
CA MET B 107 20.62 3.41 -15.11
C MET B 107 19.90 2.08 -15.32
N GLY B 108 18.57 2.06 -15.20
CA GLY B 108 17.80 0.85 -15.37
C GLY B 108 18.07 -0.18 -14.28
N VAL B 109 18.02 0.25 -13.02
CA VAL B 109 18.37 -0.61 -11.89
C VAL B 109 17.39 -0.36 -10.75
N PRO B 110 17.24 -1.33 -9.85
CA PRO B 110 16.41 -1.11 -8.66
C PRO B 110 17.01 -0.03 -7.78
N VAL B 111 16.15 0.57 -6.94
CA VAL B 111 16.53 1.64 -6.04
C VAL B 111 15.98 1.35 -4.66
N ALA B 112 16.82 1.50 -3.64
CA ALA B 112 16.40 1.50 -2.25
C ALA B 112 16.48 2.94 -1.73
N ILE B 113 15.55 3.28 -0.84
CA ILE B 113 15.42 4.64 -0.33
C ILE B 113 15.53 4.59 1.19
N ALA B 114 16.47 5.36 1.74
CA ALA B 114 16.72 5.41 3.18
C ALA B 114 16.61 6.85 3.66
N PRO B 115 15.42 7.31 4.04
CA PRO B 115 15.28 8.70 4.52
C PRO B 115 15.90 8.85 5.91
N THR B 116 16.77 9.84 6.04
CA THR B 116 17.37 10.17 7.34
C THR B 116 16.55 11.23 8.09
N ILE B 117 15.52 11.78 7.46
CA ILE B 117 14.58 12.69 8.10
C ILE B 117 13.19 12.40 7.56
N ALA B 118 12.18 12.67 8.36
CA ALA B 118 10.79 12.57 7.90
C ALA B 118 10.26 13.98 7.61
N SER B 119 10.81 14.56 6.55
CA SER B 119 10.61 15.97 6.23
C SER B 119 9.63 16.22 5.09
N THR B 120 9.48 15.26 4.16
CA THR B 120 8.50 15.37 3.09
C THR B 120 7.89 13.98 2.87
N ASP B 121 7.03 13.87 1.85
CA ASP B 121 6.53 12.57 1.39
C ASP B 121 7.22 12.13 0.10
N ALA B 122 8.45 12.59 -0.12
CA ALA B 122 9.23 12.13 -1.27
C ALA B 122 9.59 10.65 -1.24
N PRO B 123 9.98 10.03 -0.11
CA PRO B 123 10.59 8.68 -0.18
C PRO B 123 9.83 7.64 -0.98
N CYS B 124 8.50 7.59 -0.87
CA CYS B 124 7.75 6.49 -1.45
C CYS B 124 7.24 6.77 -2.86
N SER B 125 7.24 8.02 -3.31
CA SER B 125 6.59 8.36 -4.56
C SER B 125 7.41 7.87 -5.75
N ALA B 126 6.72 7.75 -6.89
CA ALA B 126 7.37 7.44 -8.17
C ALA B 126 7.58 8.72 -8.97
N LEU B 127 8.28 9.67 -8.34
CA LEU B 127 8.46 11.00 -8.91
C LEU B 127 9.75 11.61 -8.38
N SER B 128 10.48 12.28 -9.26
CA SER B 128 11.65 13.08 -8.88
C SER B 128 11.42 14.51 -9.36
N VAL B 129 11.59 15.47 -8.45
CA VAL B 129 11.48 16.88 -8.78
C VAL B 129 12.88 17.39 -9.13
N ILE B 130 13.05 17.81 -10.38
CA ILE B 130 14.35 18.27 -10.88
C ILE B 130 14.44 19.79 -10.76
N TYR B 131 15.59 20.28 -10.35
CA TYR B 131 15.85 21.70 -10.18
C TYR B 131 17.04 22.12 -11.04
N THR B 132 17.17 23.42 -11.24
CA THR B 132 18.43 23.96 -11.73
C THR B 132 19.44 24.01 -10.59
N ASP B 133 20.72 24.16 -10.95
CA ASP B 133 21.74 24.20 -9.92
C ASP B 133 21.61 25.43 -9.02
N GLU B 134 20.83 26.42 -9.44
CA GLU B 134 20.56 27.61 -8.64
C GLU B 134 19.34 27.44 -7.74
N GLY B 135 18.75 26.24 -7.68
CA GLY B 135 17.64 25.98 -6.79
C GLY B 135 16.27 26.35 -7.33
N GLU B 136 16.16 26.64 -8.62
CA GLU B 136 14.87 26.92 -9.24
C GLU B 136 14.28 25.63 -9.81
N PHE B 137 12.97 25.50 -9.71
CA PHE B 137 12.30 24.32 -10.25
C PHE B 137 12.56 24.19 -11.74
N ASP B 138 12.91 22.97 -12.17
CA ASP B 138 13.18 22.70 -13.58
C ASP B 138 12.05 21.89 -14.20
N ARG B 139 11.87 20.63 -13.79
CA ARG B 139 10.87 19.78 -14.40
C ARG B 139 10.54 18.63 -13.47
N TYR B 140 9.36 18.06 -13.67
CA TYR B 140 8.96 16.83 -12.99
C TYR B 140 9.40 15.63 -13.84
N LEU B 141 10.09 14.69 -13.20
CA LEU B 141 10.48 13.44 -13.85
C LEU B 141 9.58 12.35 -13.29
N LEU B 142 8.54 11.99 -14.04
CA LEU B 142 7.63 10.93 -13.65
C LEU B 142 8.28 9.58 -13.86
N LEU B 143 8.28 8.74 -12.81
CA LEU B 143 8.96 7.46 -12.91
C LEU B 143 7.97 6.32 -13.15
N PRO B 144 8.40 5.26 -13.84
CA PRO B 144 7.50 4.11 -14.04
C PRO B 144 7.33 3.24 -12.82
N ASN B 145 8.21 3.35 -11.83
CA ASN B 145 8.18 2.50 -10.65
C ASN B 145 8.32 3.33 -9.39
N ASN B 146 7.63 2.89 -8.33
CA ASN B 146 7.96 3.36 -7.00
C ASN B 146 9.27 2.71 -6.56
N PRO B 147 9.94 3.28 -5.56
CA PRO B 147 11.14 2.64 -5.02
C PRO B 147 10.87 1.19 -4.64
N ASN B 148 11.85 0.32 -4.92
CA ASN B 148 11.71 -1.08 -4.54
C ASN B 148 11.65 -1.25 -3.03
N MET B 149 12.40 -0.43 -2.30
CA MET B 149 12.52 -0.58 -0.86
C MET B 149 12.67 0.80 -0.23
N VAL B 150 11.95 1.01 0.87
CA VAL B 150 12.10 2.22 1.69
C VAL B 150 12.39 1.76 3.11
N ILE B 151 13.54 2.17 3.64
CA ILE B 151 14.01 1.74 4.95
C ILE B 151 14.27 2.98 5.78
N VAL B 152 13.53 3.13 6.88
CA VAL B 152 13.58 4.34 7.70
C VAL B 152 14.13 3.96 9.07
N ASP B 153 15.31 4.50 9.41
CA ASP B 153 15.87 4.36 10.75
C ASP B 153 15.27 5.45 11.63
N THR B 154 14.37 5.05 12.53
CA THR B 154 13.71 6.01 13.39
C THR B 154 14.69 6.69 14.34
N LYS B 155 15.78 6.00 14.71
CA LYS B 155 16.77 6.60 15.58
C LYS B 155 17.50 7.74 14.88
N ILE B 156 17.89 7.55 13.62
CA ILE B 156 18.59 8.60 12.88
C ILE B 156 17.68 9.81 12.68
N VAL B 157 16.41 9.56 12.33
CA VAL B 157 15.44 10.65 12.21
C VAL B 157 15.37 11.44 13.53
N ALA B 158 15.35 10.72 14.66
CA ALA B 158 15.23 11.37 15.95
C ALA B 158 16.42 12.28 16.24
N GLY B 159 17.61 11.92 15.75
CA GLY B 159 18.79 12.74 16.01
C GLY B 159 18.84 14.03 15.22
N ALA B 160 18.01 14.14 14.19
CA ALA B 160 18.00 15.31 13.34
C ALA B 160 17.33 16.49 14.05
N PRO B 161 17.55 17.71 13.57
CA PRO B 161 16.86 18.88 14.15
C PRO B 161 15.35 18.72 14.13
N ALA B 162 14.72 19.05 15.26
CA ALA B 162 13.27 18.89 15.39
C ALA B 162 12.50 19.71 14.36
N ARG B 163 13.09 20.79 13.83
CA ARG B 163 12.41 21.57 12.81
C ARG B 163 12.13 20.75 11.56
N LEU B 164 13.00 19.79 11.26
CA LEU B 164 12.82 18.99 10.05
C LEU B 164 11.72 17.94 10.21
N LEU B 165 11.38 17.56 11.44
CA LEU B 165 10.20 16.72 11.62
C LEU B 165 8.92 17.54 11.50
N ALA B 166 8.91 18.75 12.08
CA ALA B 166 7.75 19.61 11.94
C ALA B 166 7.49 19.97 10.48
N ALA B 167 8.55 20.09 9.68
CA ALA B 167 8.36 20.30 8.25
C ALA B 167 7.63 19.12 7.62
N GLY B 168 7.98 17.89 8.01
CA GLY B 168 7.27 16.73 7.50
C GLY B 168 5.82 16.69 7.95
N ILE B 169 5.56 17.11 9.19
CA ILE B 169 4.19 17.21 9.66
C ILE B 169 3.40 18.19 8.81
N GLY B 170 4.03 19.29 8.39
CA GLY B 170 3.36 20.25 7.53
C GLY B 170 3.02 19.68 6.16
N ASP B 171 3.93 18.88 5.59
CA ASP B 171 3.65 18.25 4.31
C ASP B 171 2.55 17.20 4.43
N ALA B 172 2.60 16.38 5.48
CA ALA B 172 1.63 15.30 5.63
C ALA B 172 0.26 15.79 6.06
N LEU B 173 0.21 16.92 6.79
CA LEU B 173 -1.07 17.45 7.25
C LEU B 173 -1.98 17.81 6.09
N ALA B 174 -1.40 18.13 4.93
CA ALA B 174 -2.21 18.49 3.76
C ALA B 174 -2.79 17.28 3.06
N THR B 175 -2.24 16.08 3.30
CA THR B 175 -2.56 14.92 2.48
C THR B 175 -4.06 14.62 2.49
N TRP B 176 -4.67 14.63 3.66
CA TRP B 176 -6.09 14.26 3.76
C TRP B 176 -6.97 15.29 3.07
N PHE B 177 -6.74 16.58 3.33
CA PHE B 177 -7.58 17.62 2.74
C PHE B 177 -7.44 17.66 1.23
N GLU B 178 -6.26 17.34 0.70
CA GLU B 178 -6.07 17.40 -0.75
C GLU B 178 -6.64 16.15 -1.43
N ALA B 179 -6.50 14.98 -0.80
CA ALA B 179 -7.11 13.78 -1.35
C ALA B 179 -8.63 13.86 -1.25
N ARG B 180 -9.14 14.35 -0.12
CA ARG B 180 -10.58 14.52 0.04
C ARG B 180 -11.15 15.46 -1.01
N ALA B 181 -10.42 16.54 -1.33
CA ALA B 181 -10.89 17.46 -2.36
C ALA B 181 -10.90 16.80 -3.73
N CYS B 182 -9.93 15.93 -4.01
CA CYS B 182 -9.88 15.28 -5.31
C CYS B 182 -10.99 14.25 -5.45
N SER B 183 -11.34 13.56 -4.36
CA SER B 183 -12.43 12.58 -4.44
C SER B 183 -13.78 13.27 -4.58
N ARG B 184 -13.96 14.42 -3.93
CA ARG B 184 -15.17 15.22 -4.11
C ARG B 184 -15.29 15.76 -5.53
N SER B 185 -14.16 15.92 -6.22
CA SER B 185 -14.12 16.52 -7.53
C SER B 185 -14.01 15.51 -8.66
N GLY B 186 -13.73 14.24 -8.35
CA GLY B 186 -13.48 13.26 -9.39
C GLY B 186 -12.20 13.49 -10.15
N ALA B 187 -11.21 14.11 -9.51
CA ALA B 187 -9.96 14.43 -10.18
C ALA B 187 -9.13 13.18 -10.39
N THR B 188 -8.23 13.26 -11.37
CA THR B 188 -7.31 12.18 -11.68
C THR B 188 -6.06 12.33 -10.83
N THR B 189 -5.69 11.26 -10.13
CA THR B 189 -4.47 11.26 -9.33
C THR B 189 -3.25 11.05 -10.21
N MET B 190 -2.07 11.27 -9.63
CA MET B 190 -0.83 11.01 -10.35
C MET B 190 -0.63 9.53 -10.63
N ALA B 191 -1.33 8.64 -9.90
CA ALA B 191 -1.25 7.22 -10.19
C ALA B 191 -1.85 6.88 -11.55
N GLY B 192 -2.69 7.74 -12.10
CA GLY B 192 -3.24 7.57 -13.43
C GLY B 192 -4.76 7.55 -13.48
N GLY B 193 -5.43 7.26 -12.37
CA GLY B 193 -6.87 7.15 -12.39
C GLY B 193 -7.57 7.79 -11.20
N LYS B 194 -8.74 7.27 -10.86
CA LYS B 194 -9.53 7.81 -9.76
C LYS B 194 -9.06 7.22 -8.42
N CYS B 195 -9.57 7.79 -7.34
N CYS B 195 -9.57 7.78 -7.34
CA CYS B 195 -9.18 7.35 -6.00
CA CYS B 195 -9.14 7.35 -6.01
C CYS B 195 -9.72 5.97 -5.69
C CYS B 195 -9.73 6.00 -5.65
N THR B 196 -8.95 5.23 -4.90
CA THR B 196 -9.42 3.99 -4.29
C THR B 196 -9.80 4.30 -2.84
N GLN B 197 -10.53 3.36 -2.22
CA GLN B 197 -10.80 3.51 -0.79
C GLN B 197 -9.52 3.39 0.02
N ALA B 198 -8.60 2.52 -0.41
CA ALA B 198 -7.37 2.30 0.33
C ALA B 198 -6.59 3.60 0.50
N ALA B 199 -6.44 4.36 -0.59
CA ALA B 199 -5.71 5.62 -0.51
C ALA B 199 -6.42 6.63 0.38
N LEU B 200 -7.76 6.69 0.28
CA LEU B 200 -8.51 7.63 1.11
C LEU B 200 -8.46 7.25 2.58
N ALA B 201 -8.44 5.96 2.90
CA ALA B 201 -8.29 5.54 4.29
C ALA B 201 -6.90 5.86 4.80
N LEU B 202 -5.87 5.66 3.96
CA LEU B 202 -4.51 5.99 4.37
C LEU B 202 -4.34 7.50 4.53
N ALA B 203 -4.98 8.29 3.66
CA ALA B 203 -4.89 9.73 3.77
C ALA B 203 -5.55 10.23 5.05
N GLU B 204 -6.76 9.76 5.34
CA GLU B 204 -7.44 10.17 6.57
C GLU B 204 -6.73 9.63 7.81
N LEU B 205 -6.13 8.44 7.70
CA LEU B 205 -5.36 7.92 8.82
C LEU B 205 -4.13 8.79 9.09
N CYS B 206 -3.54 9.34 8.02
CA CYS B 206 -2.46 10.30 8.17
C CYS B 206 -2.89 11.49 9.01
N TYR B 207 -4.03 12.09 8.66
CA TYR B 207 -4.52 13.27 9.37
C TYR B 207 -4.74 12.99 10.86
N ASN B 208 -5.40 11.87 11.17
CA ASN B 208 -5.75 11.58 12.55
C ASN B 208 -4.54 11.17 13.38
N THR B 209 -3.52 10.59 12.74
CA THR B 209 -2.29 10.29 13.45
C THR B 209 -1.55 11.57 13.85
N LEU B 210 -1.50 12.54 12.95
CA LEU B 210 -0.87 13.81 13.28
C LEU B 210 -1.64 14.55 14.36
N LEU B 211 -2.97 14.51 14.29
CA LEU B 211 -3.78 15.13 15.34
C LEU B 211 -3.56 14.46 16.69
N GLU B 212 -3.33 13.15 16.71
CA GLU B 212 -3.19 12.41 17.95
C GLU B 212 -1.75 12.30 18.42
N GLU B 213 -0.78 12.26 17.50
CA GLU B 213 0.61 12.00 17.86
C GLU B 213 1.57 13.14 17.55
N GLY B 214 1.10 14.22 16.90
CA GLY B 214 2.02 15.24 16.42
C GLY B 214 2.82 15.90 17.53
N GLU B 215 2.14 16.31 18.59
CA GLU B 215 2.83 17.03 19.67
C GLU B 215 3.68 16.09 20.51
N LYS B 216 3.20 14.85 20.73
CA LYS B 216 4.00 13.89 21.49
C LYS B 216 5.26 13.49 20.74
N ALA B 217 5.22 13.50 19.40
CA ALA B 217 6.40 13.16 18.62
C ALA B 217 7.42 14.30 18.60
N MET B 218 6.95 15.55 18.64
CA MET B 218 7.89 16.67 18.69
C MET B 218 8.67 16.69 20.00
N LEU B 219 8.05 16.28 21.10
CA LEU B 219 8.77 16.16 22.36
C LEU B 219 9.93 15.17 22.24
N ALA B 220 9.67 14.00 21.67
CA ALA B 220 10.72 13.01 21.46
C ALA B 220 11.77 13.52 20.47
N ALA B 221 11.32 14.24 19.43
CA ALA B 221 12.25 14.77 18.44
C ALA B 221 13.17 15.81 19.05
N GLU B 222 12.63 16.68 19.90
CA GLU B 222 13.45 17.69 20.56
C GLU B 222 14.47 17.04 21.49
N GLN B 223 14.09 15.95 22.16
CA GLN B 223 15.01 15.20 22.99
C GLN B 223 15.88 14.24 22.19
N HIS B 224 15.61 14.08 20.89
CA HIS B 224 16.40 13.24 20.00
C HIS B 224 16.38 11.77 20.46
N VAL B 225 15.17 11.29 20.74
CA VAL B 225 14.93 9.92 21.20
C VAL B 225 13.69 9.38 20.54
N VAL B 226 13.54 8.06 20.57
CA VAL B 226 12.47 7.35 19.86
C VAL B 226 11.40 6.92 20.86
N THR B 227 10.16 7.35 20.62
CA THR B 227 8.99 6.88 21.33
C THR B 227 8.00 6.30 20.31
N PRO B 228 7.03 5.50 20.76
CA PRO B 228 5.99 5.03 19.82
C PRO B 228 5.27 6.15 19.09
N ALA B 229 5.08 7.30 19.75
CA ALA B 229 4.45 8.44 19.08
C ALA B 229 5.31 8.95 17.93
N LEU B 230 6.63 8.93 18.11
CA LEU B 230 7.52 9.33 17.02
C LEU B 230 7.49 8.31 15.88
N GLU B 231 7.45 7.01 16.22
CA GLU B 231 7.36 5.98 15.19
C GLU B 231 6.11 6.18 14.34
N ARG B 232 4.98 6.54 14.97
CA ARG B 232 3.73 6.67 14.23
C ARG B 232 3.74 7.88 13.32
N VAL B 233 4.29 9.01 13.80
CA VAL B 233 4.38 10.21 12.97
C VAL B 233 5.33 9.98 11.80
N ILE B 234 6.42 9.24 12.03
CA ILE B 234 7.35 8.94 10.93
C ILE B 234 6.65 8.14 9.84
N GLU B 235 5.82 7.17 10.24
CA GLU B 235 5.04 6.43 9.25
C GLU B 235 4.03 7.33 8.56
N ALA B 236 3.38 8.23 9.32
CA ALA B 236 2.41 9.13 8.71
C ALA B 236 3.08 10.09 7.74
N ASN B 237 4.25 10.63 8.10
CA ASN B 237 4.97 11.54 7.23
C ASN B 237 5.53 10.86 5.99
N THR B 238 5.77 9.54 6.04
CA THR B 238 6.42 8.85 4.93
C THR B 238 5.45 8.00 4.13
N TYR B 239 5.06 6.85 4.67
CA TYR B 239 4.24 5.92 3.89
C TYR B 239 2.82 6.45 3.69
N LEU B 240 2.18 6.90 4.78
CA LEU B 240 0.79 7.32 4.70
C LEU B 240 0.63 8.54 3.80
N SER B 241 1.48 9.55 4.01
CA SER B 241 1.39 10.76 3.19
C SER B 241 1.77 10.48 1.74
N GLY B 242 2.74 9.58 1.51
CA GLY B 242 3.20 9.34 0.16
C GLY B 242 2.17 8.63 -0.70
N VAL B 243 1.67 7.49 -0.22
CA VAL B 243 0.57 6.81 -0.90
C VAL B 243 -0.66 7.71 -0.91
N GLY B 244 -0.86 8.47 0.16
CA GLY B 244 -2.04 9.31 0.26
C GLY B 244 -2.08 10.41 -0.79
N PHE B 245 -0.92 10.96 -1.16
CA PHE B 245 -0.91 12.04 -2.12
C PHE B 245 -0.75 11.54 -3.56
N GLU B 246 0.01 10.47 -3.77
CA GLU B 246 0.25 9.99 -5.13
C GLU B 246 -0.96 9.25 -5.69
N SER B 247 -1.66 8.49 -4.85
CA SER B 247 -2.85 7.76 -5.26
C SER B 247 -4.13 8.38 -4.71
N GLY B 248 -4.02 9.42 -3.90
CA GLY B 248 -5.19 10.12 -3.39
C GLY B 248 -5.47 11.41 -4.14
N GLY B 249 -4.48 12.29 -4.21
CA GLY B 249 -4.59 13.46 -5.05
C GLY B 249 -4.06 14.72 -4.38
N LEU B 250 -3.69 15.68 -5.22
CA LEU B 250 -3.20 16.98 -4.79
C LEU B 250 -4.19 18.06 -5.21
N ALA B 251 -4.20 19.17 -4.47
CA ALA B 251 -5.16 20.24 -4.75
C ALA B 251 -4.56 21.62 -4.52
N ALA B 252 -5.27 22.44 -3.73
CA ALA B 252 -4.89 23.84 -3.60
C ALA B 252 -3.67 24.02 -2.69
N ALA B 253 -3.54 23.19 -1.65
CA ALA B 253 -2.48 23.38 -0.68
C ALA B 253 -1.10 23.35 -1.32
N HIS B 254 -0.89 22.45 -2.28
CA HIS B 254 0.42 22.35 -2.91
C HIS B 254 0.57 23.34 -4.07
N ALA B 255 -0.53 23.67 -4.75
CA ALA B 255 -0.47 24.76 -5.73
C ALA B 255 -0.08 26.06 -5.05
N VAL B 256 -0.62 26.32 -3.87
CA VAL B 256 -0.22 27.51 -3.12
C VAL B 256 1.24 27.42 -2.71
N HIS B 257 1.69 26.21 -2.36
CA HIS B 257 3.11 26.02 -2.02
C HIS B 257 4.01 26.42 -3.18
N ASN B 258 3.62 26.05 -4.41
CA ASN B 258 4.42 26.43 -5.57
C ASN B 258 4.43 27.94 -5.76
N GLY B 259 3.29 28.60 -5.53
CA GLY B 259 3.25 30.04 -5.66
C GLY B 259 4.05 30.77 -4.59
N LEU B 260 4.13 30.19 -3.39
CA LEU B 260 4.91 30.81 -2.32
C LEU B 260 6.40 30.73 -2.60
N THR B 261 6.84 29.69 -3.31
CA THR B 261 8.25 29.58 -3.68
C THR B 261 8.67 30.72 -4.60
N ALA B 262 7.74 31.26 -5.39
CA ALA B 262 8.06 32.33 -6.32
C ALA B 262 8.37 33.65 -5.61
N ILE B 263 7.97 33.80 -4.35
CA ILE B 263 8.30 34.97 -3.56
C ILE B 263 9.67 34.74 -2.94
N PRO B 264 10.68 35.57 -3.25
CA PRO B 264 12.03 35.32 -2.70
C PRO B 264 12.09 35.37 -1.18
N ASP B 265 11.16 36.09 -0.54
CA ASP B 265 11.14 36.13 0.93
C ASP B 265 11.00 34.74 1.52
N ALA B 266 10.15 33.89 0.92
CA ALA B 266 9.82 32.58 1.46
C ALA B 266 10.46 31.44 0.69
N HIS B 267 11.32 31.73 -0.28
CA HIS B 267 11.86 30.69 -1.15
C HIS B 267 12.66 29.66 -0.36
N HIS B 268 13.42 30.10 0.64
CA HIS B 268 14.35 29.22 1.33
C HIS B 268 13.73 28.49 2.52
N TYR B 269 12.47 28.76 2.84
CA TYR B 269 11.80 27.95 3.85
C TYR B 269 11.63 26.53 3.36
N TYR B 270 11.42 25.60 4.29
CA TYR B 270 11.35 24.20 3.93
C TYR B 270 10.07 23.91 3.13
N HIS B 271 10.09 22.77 2.45
CA HIS B 271 8.98 22.38 1.59
C HIS B 271 7.68 22.29 2.37
N GLY B 272 7.67 21.50 3.45
CA GLY B 272 6.46 21.33 4.23
C GLY B 272 6.04 22.59 4.96
N GLU B 273 6.97 23.49 5.24
CA GLU B 273 6.63 24.74 5.91
C GLU B 273 5.78 25.62 5.01
N LYS B 274 6.11 25.65 3.71
CA LYS B 274 5.28 26.40 2.76
C LYS B 274 3.97 25.67 2.50
N VAL B 275 4.00 24.34 2.48
CA VAL B 275 2.77 23.57 2.33
C VAL B 275 1.83 23.84 3.49
N ALA B 276 2.39 23.99 4.71
CA ALA B 276 1.57 24.19 5.89
C ALA B 276 0.67 25.42 5.74
N PHE B 277 1.18 26.49 5.13
CA PHE B 277 0.32 27.65 4.91
C PHE B 277 -0.65 27.42 3.76
N GLY B 278 -0.26 26.62 2.76
CA GLY B 278 -1.19 26.30 1.69
C GLY B 278 -2.40 25.53 2.19
N THR B 279 -2.22 24.69 3.21
CA THR B 279 -3.34 23.98 3.79
C THR B 279 -4.34 24.95 4.41
N LEU B 280 -3.85 25.94 5.16
CA LEU B 280 -4.74 26.93 5.75
C LEU B 280 -5.40 27.78 4.67
N THR B 281 -4.71 28.01 3.55
CA THR B 281 -5.33 28.71 2.43
C THR B 281 -6.44 27.88 1.81
N GLN B 282 -6.21 26.57 1.66
CA GLN B 282 -7.24 25.69 1.11
C GLN B 282 -8.46 25.63 2.01
N LEU B 283 -8.25 25.61 3.33
CA LEU B 283 -9.37 25.51 4.25
C LEU B 283 -10.29 26.72 4.14
N VAL B 284 -9.73 27.90 3.87
CA VAL B 284 -10.57 29.05 3.56
C VAL B 284 -11.23 28.88 2.20
N LEU B 285 -10.49 28.34 1.23
CA LEU B 285 -11.00 28.19 -0.14
C LEU B 285 -12.22 27.28 -0.17
N GLU B 286 -12.17 26.15 0.53
CA GLU B 286 -13.27 25.21 0.59
C GLU B 286 -14.20 25.48 1.78
N ASN B 287 -13.99 26.58 2.49
CA ASN B 287 -14.86 26.99 3.60
C ASN B 287 -15.04 25.88 4.62
N ALA B 288 -13.92 25.33 5.08
CA ALA B 288 -13.95 24.36 6.16
C ALA B 288 -14.59 24.98 7.39
N PRO B 289 -15.25 24.17 8.22
CA PRO B 289 -15.86 24.71 9.45
C PRO B 289 -14.81 25.31 10.37
N VAL B 290 -15.30 26.11 11.32
CA VAL B 290 -14.41 26.84 12.22
C VAL B 290 -13.59 25.87 13.07
N GLU B 291 -14.21 24.80 13.56
CA GLU B 291 -13.50 23.84 14.39
C GLU B 291 -12.40 23.14 13.60
N GLU B 292 -12.64 22.85 12.32
CA GLU B 292 -11.63 22.21 11.49
C GLU B 292 -10.42 23.13 11.32
N ILE B 293 -10.66 24.39 11.02
CA ILE B 293 -9.56 25.32 10.75
C ILE B 293 -8.79 25.58 12.03
N GLU B 294 -9.49 25.74 13.15
CA GLU B 294 -8.82 25.94 14.43
C GLU B 294 -7.98 24.73 14.82
N THR B 295 -8.47 23.52 14.53
CA THR B 295 -7.71 22.32 14.83
C THR B 295 -6.42 22.25 14.03
N VAL B 296 -6.49 22.60 12.75
CA VAL B 296 -5.30 22.58 11.91
C VAL B 296 -4.33 23.70 12.32
N ALA B 297 -4.86 24.89 12.58
CA ALA B 297 -4.01 26.00 12.99
C ALA B 297 -3.36 25.73 14.35
N ALA B 298 -4.09 25.10 15.27
CA ALA B 298 -3.54 24.82 16.59
C ALA B 298 -2.40 23.82 16.51
N LEU B 299 -2.59 22.72 15.76
CA LEU B 299 -1.53 21.73 15.62
C LEU B 299 -0.32 22.31 14.89
N SER B 300 -0.57 23.09 13.83
CA SER B 300 0.52 23.72 13.11
C SER B 300 1.33 24.64 14.01
N HIS B 301 0.63 25.45 14.82
CA HIS B 301 1.30 26.33 15.77
C HIS B 301 2.04 25.53 16.83
N ALA B 302 1.43 24.44 17.31
CA ALA B 302 2.02 23.68 18.42
C ALA B 302 3.37 23.07 18.04
N VAL B 303 3.55 22.69 16.77
CA VAL B 303 4.78 22.06 16.32
C VAL B 303 5.73 23.05 15.67
N GLY B 304 5.34 24.30 15.53
CA GLY B 304 6.24 25.33 15.02
C GLY B 304 6.18 25.58 13.52
N LEU B 305 5.01 25.39 12.89
CA LEU B 305 4.85 25.66 11.48
C LEU B 305 4.29 27.06 11.28
N PRO B 306 4.54 27.69 10.12
CA PRO B 306 4.03 29.05 9.91
C PRO B 306 2.53 29.03 9.64
N ILE B 307 1.79 29.86 10.39
CA ILE B 307 0.37 30.05 10.17
C ILE B 307 0.03 31.47 9.75
N THR B 308 1.03 32.35 9.62
CA THR B 308 0.84 33.67 9.05
C THR B 308 1.84 33.87 7.93
N LEU B 309 1.55 34.85 7.07
CA LEU B 309 2.48 35.18 5.99
C LEU B 309 3.79 35.73 6.53
N ALA B 310 3.71 36.54 7.61
CA ALA B 310 4.92 37.10 8.21
C ALA B 310 5.85 36.01 8.72
N GLN B 311 5.31 34.88 9.19
CA GLN B 311 6.14 33.78 9.63
C GLN B 311 6.85 33.09 8.47
N LEU B 312 6.53 33.46 7.22
CA LEU B 312 7.29 33.08 6.05
C LEU B 312 8.15 34.23 5.53
N ASP B 313 8.41 35.24 6.39
CA ASP B 313 9.18 36.44 6.04
C ASP B 313 8.51 37.28 4.96
N ILE B 314 7.20 37.18 4.83
CA ILE B 314 6.43 38.01 3.91
C ILE B 314 5.76 39.08 4.77
N LYS B 315 6.39 40.26 4.86
CA LYS B 315 5.92 41.32 5.74
C LYS B 315 5.68 42.65 5.03
N GLU B 316 6.27 42.88 3.86
CA GLU B 316 6.06 44.10 3.11
C GLU B 316 5.61 43.74 1.69
N ASP B 317 4.81 44.63 1.10
CA ASP B 317 4.26 44.43 -0.24
C ASP B 317 3.39 43.20 -0.32
N VAL B 318 2.68 42.88 0.77
CA VAL B 318 1.93 41.62 0.84
C VAL B 318 0.91 41.49 -0.28
N PRO B 319 0.06 42.48 -0.56
CA PRO B 319 -0.90 42.31 -1.67
C PRO B 319 -0.26 42.05 -3.01
N ALA B 320 0.77 42.82 -3.38
CA ALA B 320 1.44 42.60 -4.65
C ALA B 320 2.07 41.22 -4.73
N LYS B 321 2.53 40.68 -3.59
CA LYS B 321 3.15 39.37 -3.59
C LYS B 321 2.11 38.25 -3.58
N MET B 322 1.05 38.41 -2.78
CA MET B 322 -0.03 37.43 -2.79
C MET B 322 -0.71 37.37 -4.16
N ARG B 323 -0.65 38.47 -4.91
CA ARG B 323 -1.09 38.44 -6.29
C ARG B 323 -0.21 37.52 -7.13
N ILE B 324 1.10 37.56 -6.90
CA ILE B 324 2.02 36.70 -7.64
C ILE B 324 1.81 35.24 -7.26
N VAL B 325 1.55 34.98 -5.98
CA VAL B 325 1.30 33.60 -5.52
C VAL B 325 0.03 33.07 -6.17
N ALA B 326 -1.05 33.87 -6.14
CA ALA B 326 -2.34 33.41 -6.66
C ALA B 326 -2.26 33.12 -8.15
N GLU B 327 -1.50 33.92 -8.89
CA GLU B 327 -1.40 33.70 -10.34
C GLU B 327 -0.61 32.43 -10.65
N ALA B 328 0.49 32.20 -9.92
CA ALA B 328 1.29 31.00 -10.16
C ALA B 328 0.52 29.75 -9.77
N ALA B 329 -0.28 29.82 -8.70
CA ALA B 329 -1.00 28.65 -8.23
C ALA B 329 -2.11 28.24 -9.20
N CYS B 330 -2.63 29.18 -9.98
CA CYS B 330 -3.70 28.90 -10.93
C CYS B 330 -3.18 28.71 -12.35
N ALA B 331 -1.87 28.55 -12.53
CA ALA B 331 -1.31 28.32 -13.85
C ALA B 331 -1.90 27.05 -14.46
N GLU B 332 -1.79 26.96 -15.79
CA GLU B 332 -2.35 25.82 -16.50
C GLU B 332 -1.65 24.54 -16.07
N GLY B 333 -2.44 23.53 -15.71
CA GLY B 333 -1.91 22.26 -15.25
C GLY B 333 -1.59 22.20 -13.77
N GLU B 334 -1.89 23.24 -13.01
CA GLU B 334 -1.65 23.21 -11.58
C GLU B 334 -2.77 22.44 -10.88
N THR B 335 -2.45 21.93 -9.69
CA THR B 335 -3.37 21.07 -8.96
C THR B 335 -4.53 21.82 -8.32
N ILE B 336 -4.50 23.16 -8.30
CA ILE B 336 -5.62 23.90 -7.73
C ILE B 336 -6.90 23.71 -8.53
N HIS B 337 -6.77 23.30 -9.80
CA HIS B 337 -7.92 23.01 -10.63
C HIS B 337 -8.56 21.66 -10.30
N ASN B 338 -8.03 20.96 -9.30
CA ASN B 338 -8.69 19.78 -8.74
C ASN B 338 -9.66 20.13 -7.63
N MET B 339 -9.68 21.38 -7.17
CA MET B 339 -10.65 21.78 -6.17
C MET B 339 -12.07 21.66 -6.74
N PRO B 340 -13.05 21.29 -5.91
CA PRO B 340 -14.44 21.25 -6.39
C PRO B 340 -14.90 22.62 -6.86
N GLY B 341 -15.36 22.68 -8.10
CA GLY B 341 -15.74 23.93 -8.72
C GLY B 341 -14.59 24.78 -9.20
N GLY B 342 -13.34 24.36 -8.96
CA GLY B 342 -12.20 25.11 -9.41
C GLY B 342 -11.92 26.32 -8.52
N ALA B 343 -10.86 27.03 -8.88
CA ALA B 343 -10.45 28.23 -8.16
C ALA B 343 -9.84 29.21 -9.15
N THR B 344 -10.37 30.42 -9.17
CA THR B 344 -9.80 31.49 -9.98
C THR B 344 -8.70 32.21 -9.22
N PRO B 345 -7.83 32.95 -9.92
CA PRO B 345 -6.80 33.73 -9.21
C PRO B 345 -7.38 34.69 -8.18
N ASP B 346 -8.56 35.26 -8.44
CA ASP B 346 -9.18 36.14 -7.46
C ASP B 346 -9.56 35.37 -6.20
N GLN B 347 -10.08 34.15 -6.35
CA GLN B 347 -10.48 33.34 -5.20
C GLN B 347 -9.28 32.96 -4.36
N VAL B 348 -8.16 32.61 -4.99
CA VAL B 348 -6.96 32.22 -4.25
C VAL B 348 -6.37 33.41 -3.53
N TYR B 349 -6.33 34.57 -4.20
CA TYR B 349 -5.87 35.79 -3.54
C TYR B 349 -6.70 36.09 -2.30
N ALA B 350 -8.02 35.96 -2.42
CA ALA B 350 -8.90 36.17 -1.28
C ALA B 350 -8.58 35.19 -0.15
N ALA B 351 -8.31 33.93 -0.51
CA ALA B 351 -8.05 32.92 0.52
C ALA B 351 -6.70 33.14 1.19
N LEU B 352 -5.70 33.60 0.43
CA LEU B 352 -4.39 33.89 1.01
C LEU B 352 -4.48 34.98 2.07
N LEU B 353 -5.17 36.08 1.76
CA LEU B 353 -5.27 37.18 2.71
C LEU B 353 -6.07 36.79 3.95
N VAL B 354 -7.13 36.01 3.76
CA VAL B 354 -7.99 35.66 4.89
C VAL B 354 -7.34 34.60 5.75
N ALA B 355 -6.64 33.63 5.14
CA ALA B 355 -5.89 32.66 5.93
C ALA B 355 -4.82 33.35 6.77
N ASP B 356 -4.10 34.32 6.17
CA ASP B 356 -3.15 35.12 6.94
C ASP B 356 -3.86 35.85 8.08
N GLN B 357 -5.02 36.45 7.79
CA GLN B 357 -5.79 37.11 8.83
C GLN B 357 -6.18 36.15 9.94
N TYR B 358 -6.57 34.93 9.59
CA TYR B 358 -6.95 33.96 10.61
C TYR B 358 -5.78 33.59 11.49
N GLY B 359 -4.61 33.36 10.88
CA GLY B 359 -3.43 33.07 11.68
C GLY B 359 -3.04 34.21 12.61
N GLN B 360 -3.21 35.45 12.13
CA GLN B 360 -2.91 36.60 12.98
C GLN B 360 -3.83 36.64 14.19
N ARG B 361 -5.12 36.32 14.00
CA ARG B 361 -6.04 36.26 15.13
C ARG B 361 -5.72 35.11 16.07
N PHE B 362 -5.26 33.98 15.53
CA PHE B 362 -4.92 32.85 16.39
C PHE B 362 -3.75 33.19 17.30
N LEU B 363 -2.73 33.87 16.76
CA LEU B 363 -1.56 34.19 17.56
C LEU B 363 -1.88 35.20 18.65
N GLN B 364 -2.79 36.14 18.38
CA GLN B 364 -3.15 37.13 19.40
C GLN B 364 -3.92 36.48 20.55
N GLU B 365 -4.94 35.69 20.24
CA GLU B 365 -5.71 35.00 21.27
C GLU B 365 -4.88 33.97 22.02
N TRP B 366 -3.64 33.72 21.59
CA TRP B 366 -2.74 32.79 22.26
C TRP B 366 -1.86 33.49 23.29
N GLU B 367 -1.31 34.66 22.94
CA GLU B 367 -0.45 35.41 23.85
C GLU B 367 -1.30 36.25 24.81
ZN ZN C . -7.28 -17.13 2.60
PA NAD D . -9.52 -21.58 -8.94
O1A NAD D . -8.27 -20.83 -9.25
O2A NAD D . -9.54 -23.03 -9.22
O5B NAD D . -10.76 -20.87 -9.66
C5B NAD D . -12.09 -21.39 -9.41
C4B NAD D . -12.80 -21.59 -10.71
O4B NAD D . -13.26 -20.31 -11.21
C3B NAD D . -11.98 -22.21 -11.85
O3B NAD D . -12.64 -23.36 -12.37
C2B NAD D . -11.92 -21.12 -12.92
O2B NAD D . -11.93 -21.63 -14.23
C1B NAD D . -13.20 -20.35 -12.62
N9A NAD D . -13.22 -18.99 -13.13
C8A NAD D . -12.22 -18.05 -13.01
N7A NAD D . -12.53 -16.91 -13.57
C5A NAD D . -13.81 -17.09 -14.07
C6A NAD D . -14.69 -16.26 -14.77
N6A NAD D . -14.40 -14.99 -15.10
N1A NAD D . -15.89 -16.76 -15.12
C2A NAD D . -16.17 -18.03 -14.78
N3A NAD D . -15.43 -18.91 -14.13
C4A NAD D . -14.24 -18.38 -13.79
O3 NAD D . -9.88 -21.35 -7.40
PN NAD D . -9.68 -20.14 -6.39
O1N NAD D . -10.51 -20.39 -5.18
O2N NAD D . -9.85 -18.86 -7.13
O5D NAD D . -8.14 -20.32 -6.03
C5D NAD D . -7.75 -20.93 -4.78
C4D NAD D . -6.26 -21.15 -4.80
O4D NAD D . -5.59 -19.94 -4.37
C3D NAD D . -5.73 -22.26 -3.89
O3D NAD D . -4.61 -22.93 -4.48
C2D NAD D . -5.27 -21.49 -2.65
O2D NAD D . -4.26 -22.16 -1.92
C1D NAD D . -4.67 -20.27 -3.34
N1N NAD D . -4.51 -19.12 -2.45
C2N NAD D . -3.28 -18.52 -2.33
C3N NAD D . -3.13 -17.44 -1.49
C7N NAD D . -1.79 -16.80 -1.41
O7N NAD D . -1.58 -15.90 -0.58
N7N NAD D . -0.85 -17.22 -2.24
C4N NAD D . -4.22 -16.96 -0.77
C5N NAD D . -5.45 -17.59 -0.89
C6N NAD D . -5.58 -18.67 -1.73
C TRS E . -3.63 -17.52 2.99
C1 TRS E . -3.10 -18.18 4.25
C2 TRS E . -4.36 -16.23 3.33
C3 TRS E . -4.61 -18.47 2.31
N TRS E . -2.53 -17.22 2.08
O1 TRS E . -1.94 -18.90 3.96
O2 TRS E . -5.18 -15.88 2.25
O3 TRS E . -4.06 -19.76 2.24
C TRS F . -8.16 -24.98 -0.80
C1 TRS F . -8.65 -25.54 -2.13
C2 TRS F . -7.46 -23.65 -1.04
C3 TRS F . -9.35 -24.76 0.12
N TRS F . -7.21 -25.90 -0.19
O1 TRS F . -7.63 -25.50 -3.09
O2 TRS F . -6.49 -23.44 -0.05
O3 TRS F . -9.13 -25.47 1.31
ZN ZN G . 4.54 17.94 -0.41
PA NAD H . 16.96 18.24 1.76
O1A NAD H . 16.98 16.96 1.02
O2A NAD H . 17.80 19.35 1.25
O5B NAD H . 17.31 17.99 3.30
C5B NAD H . 17.06 19.05 4.24
C4B NAD H . 18.30 19.28 5.08
O4B NAD H . 18.33 18.31 6.16
C3B NAD H . 19.64 19.16 4.35
O3B NAD H . 20.43 20.33 4.55
C2B NAD H . 20.30 17.93 4.98
O2B NAD H . 21.70 18.06 5.09
C1B NAD H . 19.65 17.88 6.35
N9A NAD H . 19.63 16.54 6.93
C8A NAD H . 19.24 15.39 6.31
N7A NAD H . 19.30 14.33 7.08
C5A NAD H . 19.76 14.82 8.29
C6A NAD H . 20.04 14.20 9.52
N6A NAD H . 19.90 12.90 9.74
N1A NAD H . 20.48 14.99 10.53
C2A NAD H . 20.63 16.29 10.31
N3A NAD H . 20.40 16.99 9.20
C4A NAD H . 19.96 16.19 8.22
O3 NAD H . 15.45 18.76 1.84
PN NAD H . 14.05 18.06 2.18
O1N NAD H . 13.13 19.10 2.71
O2N NAD H . 14.30 16.85 3.00
O5D NAD H . 13.57 17.61 0.73
C5D NAD H . 13.00 18.62 -0.15
C4D NAD H . 13.03 18.11 -1.56
O4D NAD H . 12.09 17.01 -1.70
C3D NAD H . 12.65 19.13 -2.64
O3D NAD H . 13.52 19.04 -3.76
C2D NAD H . 11.24 18.72 -3.04
O2D NAD H . 10.93 19.05 -4.38
C1D NAD H . 11.36 17.21 -2.91
N1N NAD H . 10.08 16.51 -2.80
C2N NAD H . 9.77 15.50 -3.68
C3N NAD H . 8.56 14.83 -3.59
C7N NAD H . 8.28 13.73 -4.57
O7N NAD H . 7.21 13.13 -4.51
N7N NAD H . 9.22 13.44 -5.46
C4N NAD H . 7.65 15.19 -2.62
C5N NAD H . 7.96 16.21 -1.73
C6N NAD H . 9.17 16.87 -1.83
C TRS I . 4.88 17.05 -4.47
C TRS I . 4.92 17.33 -4.61
C1 TRS I . 4.04 17.28 -5.72
C1 TRS I . 4.30 17.01 -5.96
C2 TRS I . 4.00 16.44 -3.37
C2 TRS I . 4.54 16.24 -3.61
C3 TRS I . 5.44 18.38 -3.97
C3 TRS I . 6.44 17.38 -4.75
N TRS I . 5.97 16.15 -4.79
N TRS I . 4.46 18.62 -4.15
O1 TRS I . 4.83 17.80 -6.75
O1 TRS I . 4.51 18.08 -6.82
O2 TRS I . 4.72 16.39 -2.18
O2 TRS I . 4.83 16.66 -2.31
O3 TRS I . 6.53 18.75 -4.76
O3 TRS I . 6.88 18.70 -4.59
#